data_7DB8
#
_entry.id   7DB8
#
_cell.length_a   278.005
_cell.length_b   297.814
_cell.length_c   65.901
_cell.angle_alpha   90.000
_cell.angle_beta   90.000
_cell.angle_gamma   90.000
#
_symmetry.space_group_name_H-M   'C 2 2 21'
#
loop_
_entity.id
_entity.type
_entity.pdbx_description
1 polymer 'Phenylalanine--tRNA ligase alpha subunit'
2 polymer 'Phenylalanine--tRNA ligase beta subunit'
3 non-polymer 'SULFATE ION'
4 non-polymer N-pyridin-3-yl-4-[[3-[5-(trifluoromethyl)pyridin-2-yl]oxyphenyl]methyl]piperidine-1-carboxamide
5 water water
#
loop_
_entity_poly.entity_id
_entity_poly.type
_entity_poly.pdbx_seq_one_letter_code
_entity_poly.pdbx_strand_id
1 'polypeptide(L)'
;MLSPEALTTAVDAAQQAIALADTLDVLARVKTEHLGDRSPLALARQALAVLPKEQRAEAGKRVNAARNAAQRSYDERLAT
LRAERDAAVLVAEGIDVTLPSTRVPAGARHPIIMLAEHVADTFIAMGWELAEGPEVETEQFNFDALNFPADHPARGEQDT
FYIAPEDSRQLLRTHTSPVQIRTLLARELPVYIISIGRTFRTDELDATHTPIFHQVEGLAVDRGLSMAHLRGTLDAFARA
EFGPSARTRIRPHFFPFTEPSAEVDVWFANKIGGAAWVEWGGCGMVHPNVLRATGIDPDLYSGFAFGMGLERTLQFRNGI
PDMRDMVEGDVRFSLPFGVGA
;
A
2 'polypeptide(L)'
;MRLPYSWLREVVAVGASGWDVTPGELEQTLLRIGHEVEEVIPLGPVDGPVTVGRVADIEELTGYKKPIRACAVDIGDRQY
REIICGATNFAVGDLVVVALPGATLPGGFTISARKAYGRNSDGMICSAAELNLGADHSGILVLPPGAAEPGADGAGVLGL
DDVVFHLAITPDRGYCMSVRGLARELACAYDLDFVDPASNSRVPPLPIEGPAWPLTVQPETGVRRFALRPVIGIDPAAVS
PWWLQRRLLLCGIRATCPAVDVTNYVMLELGHPMHAHDRNRISGTLGVRFARSGETAVTLDGIERKLDTADVLIVDDAAT
AAIGGVMGAASTEVRADSTDVLLEAAIWDPAAVSRTQRRLHLPSEAARRYERTVDPAISVAALDRCARLLADIAGGEVSP
TLTDWRGDPPCDDWSPPPIRMGVDVPDRIAGVAYPQGTTARRLAQIGAVVTHDGDTLTVTPPSWRPDLRQPADLVEEVLR
LEGLEVIPSVLPPAPAGRGLTAGQQRRRTIGRSLALSGYVEILPTPFLPAGVFDLWGLEADDSRRMTTRVLNPLEADRPQ
LATTLLPALLEALVRNVSRGLVDVALFAIAQVVQPTEQTRGVGLIPVDRRPTDDEIAMLDASLPRQPQHVAAVLAGLREP
RGPWGPGRPVEAADAFEAVRIIARASRVDVTLRPAQYLPWHPGRCAQVFVGESSVGHAGQLHPAVIERSGLPKGTCAVEL
NLDAIPCSAPLPAPRVSPYPAVFQDVSLVVAADIPAQAVADAVRAGAGDLLEDIALFDVFTGPQIGEHRKSLTFALRFRA
PDRTLTEDDASAARDAAVQSAAERVGAVLRGWKLAAALEHHHHHH
;
B
#
# COMPACT_ATOMS: atom_id res chain seq x y z
N ASP A 75 2.02 -39.14 79.94
CA ASP A 75 2.47 -38.16 78.96
C ASP A 75 2.14 -38.65 77.55
N GLU A 76 1.39 -39.75 77.49
CA GLU A 76 0.85 -40.21 76.21
C GLU A 76 0.13 -39.09 75.49
N ARG A 77 -0.57 -38.24 76.24
CA ARG A 77 -1.51 -37.30 75.65
C ARG A 77 -1.33 -35.87 76.15
N LEU A 78 -0.22 -35.55 76.82
CA LEU A 78 0.22 -34.17 76.82
C LEU A 78 0.41 -33.69 75.40
N ALA A 79 1.05 -34.52 74.57
CA ALA A 79 1.51 -34.13 73.26
C ALA A 79 0.49 -34.34 72.14
N THR A 80 -0.45 -35.29 72.29
CA THR A 80 -1.39 -35.51 71.19
C THR A 80 -2.33 -34.32 71.00
N LEU A 81 -2.79 -33.72 72.10
CA LEU A 81 -3.65 -32.56 72.01
C LEU A 81 -2.90 -31.26 72.26
N ARG A 82 -1.63 -31.33 72.67
CA ARG A 82 -0.73 -30.21 72.43
C ARG A 82 -0.43 -30.05 70.94
N ALA A 83 -0.40 -31.18 70.22
CA ALA A 83 -0.23 -31.13 68.78
C ALA A 83 -1.49 -30.62 68.11
N GLU A 84 -2.64 -31.26 68.38
CA GLU A 84 -3.88 -30.82 67.76
C GLU A 84 -4.37 -29.48 68.29
N ARG A 85 -3.75 -28.94 69.35
CA ARG A 85 -3.89 -27.51 69.62
C ARG A 85 -3.20 -26.70 68.55
N ASP A 86 -1.91 -26.98 68.32
CA ASP A 86 -1.12 -26.22 67.35
C ASP A 86 -1.62 -26.40 65.93
N ALA A 87 -2.28 -27.53 65.64
CA ALA A 87 -2.84 -27.74 64.30
C ALA A 87 -4.06 -26.86 64.06
N ALA A 88 -4.78 -26.51 65.12
CA ALA A 88 -5.92 -25.62 64.96
C ALA A 88 -5.49 -24.16 64.94
N VAL A 89 -4.37 -23.84 65.60
CA VAL A 89 -3.76 -22.53 65.41
C VAL A 89 -3.44 -22.32 63.93
N LEU A 90 -3.02 -23.39 63.24
CA LEU A 90 -2.68 -23.26 61.82
C LEU A 90 -3.93 -23.07 60.96
N VAL A 91 -5.03 -23.74 61.28
CA VAL A 91 -6.23 -23.53 60.47
C VAL A 91 -6.87 -22.20 60.80
N ALA A 92 -6.75 -21.75 62.06
CA ALA A 92 -7.23 -20.43 62.43
C ALA A 92 -6.52 -19.31 61.68
N GLU A 93 -5.31 -19.55 61.16
CA GLU A 93 -4.66 -18.52 60.38
C GLU A 93 -4.70 -18.82 58.88
N GLY A 94 -5.71 -19.58 58.46
CA GLY A 94 -5.90 -19.83 57.04
C GLY A 94 -6.34 -18.59 56.30
N ILE A 95 -6.09 -18.62 54.99
CA ILE A 95 -6.49 -17.55 54.09
C ILE A 95 -7.22 -18.16 52.91
N ASP A 96 -7.87 -17.30 52.13
CA ASP A 96 -8.48 -17.70 50.87
C ASP A 96 -7.42 -17.54 49.79
N VAL A 97 -6.84 -18.66 49.33
CA VAL A 97 -5.71 -18.62 48.40
C VAL A 97 -6.14 -18.20 47.01
N THR A 98 -7.43 -17.93 46.81
CA THR A 98 -7.92 -17.53 45.49
C THR A 98 -8.12 -16.04 45.38
N LEU A 99 -7.85 -15.29 46.45
CA LEU A 99 -7.97 -13.84 46.37
C LEU A 99 -7.05 -13.29 45.27
N PRO A 100 -7.46 -12.21 44.61
CA PRO A 100 -6.57 -11.58 43.62
C PRO A 100 -5.27 -11.14 44.29
N SER A 101 -4.18 -11.25 43.55
CA SER A 101 -2.87 -10.90 44.07
C SER A 101 -2.14 -9.87 43.23
N THR A 102 -2.68 -9.44 42.10
CA THR A 102 -1.92 -8.65 41.14
C THR A 102 -2.10 -7.16 41.43
N ARG A 103 -1.12 -6.56 42.10
CA ARG A 103 -1.16 -5.14 42.38
C ARG A 103 -0.42 -4.30 41.34
N VAL A 104 0.36 -4.93 40.47
CA VAL A 104 0.98 -4.32 39.31
C VAL A 104 0.44 -5.05 38.08
N PRO A 105 -0.69 -4.62 37.53
CA PRO A 105 -1.25 -5.30 36.35
C PRO A 105 -0.26 -5.34 35.20
N ALA A 106 -0.27 -6.46 34.49
CA ALA A 106 0.57 -6.63 33.31
C ALA A 106 0.16 -5.65 32.22
N GLY A 107 1.14 -5.23 31.42
CA GLY A 107 0.88 -4.45 30.24
C GLY A 107 0.94 -5.30 28.99
N ALA A 108 1.35 -4.69 27.87
CA ALA A 108 1.40 -5.42 26.61
C ALA A 108 2.14 -4.64 25.53
N ARG A 109 3.13 -5.28 24.92
CA ARG A 109 3.68 -4.79 23.69
C ARG A 109 2.64 -4.95 22.58
N HIS A 110 2.74 -4.11 21.56
CA HIS A 110 1.69 -4.09 20.56
C HIS A 110 1.75 -5.35 19.69
N PRO A 111 0.59 -5.94 19.36
CA PRO A 111 0.57 -7.16 18.52
C PRO A 111 1.27 -7.02 17.17
N ILE A 112 1.29 -5.82 16.56
CA ILE A 112 2.04 -5.64 15.32
C ILE A 112 3.54 -5.66 15.60
N ILE A 113 3.97 -5.03 16.69
CA ILE A 113 5.38 -5.07 17.07
C ILE A 113 5.79 -6.51 17.35
N MET A 114 4.92 -7.28 18.02
CA MET A 114 5.26 -8.66 18.34
C MET A 114 5.28 -9.52 17.09
N LEU A 115 4.39 -9.26 16.13
CA LEU A 115 4.46 -9.95 14.86
C LEU A 115 5.77 -9.61 14.13
N ALA A 116 6.12 -8.33 14.09
CA ALA A 116 7.41 -7.91 13.53
C ALA A 116 8.58 -8.62 14.22
N GLU A 117 8.52 -8.75 15.54
CA GLU A 117 9.61 -9.40 16.26
C GLU A 117 9.74 -10.86 15.85
N HIS A 118 8.61 -11.54 15.70
CA HIS A 118 8.66 -12.94 15.30
C HIS A 118 9.16 -13.09 13.87
N VAL A 119 8.73 -12.19 12.97
CA VAL A 119 9.24 -12.20 11.60
C VAL A 119 10.75 -11.99 11.60
N ALA A 120 11.23 -10.97 12.33
CA ALA A 120 12.66 -10.70 12.42
C ALA A 120 13.44 -11.92 12.93
N ASP A 121 12.94 -12.56 14.00
CA ASP A 121 13.66 -13.72 14.55
C ASP A 121 13.71 -14.85 13.55
N THR A 122 12.63 -15.04 12.79
CA THR A 122 12.57 -16.10 11.77
C THR A 122 13.69 -15.93 10.77
N PHE A 123 13.99 -14.70 10.37
CA PHE A 123 15.01 -14.45 9.37
C PHE A 123 16.41 -14.34 9.99
N ILE A 124 16.52 -13.79 11.20
CA ILE A 124 17.80 -13.84 11.90
C ILE A 124 18.29 -15.28 12.01
N ALA A 125 17.37 -16.20 12.30
CA ALA A 125 17.73 -17.60 12.50
C ALA A 125 18.15 -18.29 11.22
N MET A 126 17.97 -17.64 10.07
CA MET A 126 18.47 -18.16 8.81
C MET A 126 19.70 -17.40 8.34
N GLY A 127 20.25 -16.53 9.19
CA GLY A 127 21.45 -15.80 8.84
C GLY A 127 21.23 -14.39 8.31
N TRP A 128 20.00 -13.97 8.13
CA TRP A 128 19.76 -12.61 7.65
C TRP A 128 20.00 -11.60 8.77
N GLU A 129 20.07 -10.33 8.39
CA GLU A 129 20.15 -9.20 9.31
C GLU A 129 19.04 -8.20 9.00
N LEU A 130 18.77 -7.34 9.99
CA LEU A 130 17.74 -6.32 9.93
C LEU A 130 18.35 -4.94 9.73
N ALA A 131 17.72 -4.15 8.86
CA ALA A 131 18.17 -2.80 8.58
C ALA A 131 16.99 -1.84 8.76
N GLU A 132 17.31 -0.59 9.08
CA GLU A 132 16.33 0.45 9.35
C GLU A 132 16.71 1.72 8.59
N GLY A 133 15.72 2.59 8.41
CA GLY A 133 15.93 3.84 7.73
C GLY A 133 14.83 4.84 8.05
N PRO A 134 14.96 6.05 7.54
CA PRO A 134 14.01 7.11 7.89
C PRO A 134 12.67 6.94 7.20
N GLU A 135 11.61 7.37 7.89
CA GLU A 135 10.28 7.31 7.30
C GLU A 135 10.03 8.48 6.35
N VAL A 136 10.64 9.64 6.60
CA VAL A 136 10.66 10.72 5.63
C VAL A 136 11.91 10.52 4.76
N GLU A 137 11.69 10.24 3.48
CA GLU A 137 12.73 9.70 2.60
C GLU A 137 12.85 10.56 1.34
N THR A 138 14.00 10.47 0.68
CA THR A 138 14.17 11.13 -0.62
C THR A 138 13.40 10.38 -1.70
N GLU A 139 12.97 11.13 -2.71
CA GLU A 139 12.38 10.51 -3.89
C GLU A 139 13.39 9.63 -4.62
N GLN A 140 14.67 10.01 -4.58
CA GLN A 140 15.73 9.21 -5.17
C GLN A 140 15.66 7.75 -4.72
N PHE A 141 15.63 7.52 -3.42
CA PHE A 141 15.64 6.16 -2.90
C PHE A 141 14.26 5.53 -2.85
N ASN A 142 13.22 6.35 -2.73
CA ASN A 142 11.88 5.75 -2.69
C ASN A 142 11.39 5.32 -4.06
N PHE A 143 11.76 6.06 -5.14
CA PHE A 143 11.22 5.78 -6.47
C PHE A 143 12.28 5.59 -7.54
N ASP A 144 13.24 6.52 -7.64
CA ASP A 144 14.16 6.52 -8.79
C ASP A 144 15.08 5.31 -8.76
N ALA A 145 15.72 5.05 -7.62
CA ALA A 145 16.56 3.86 -7.51
C ALA A 145 15.76 2.57 -7.68
N LEU A 146 14.43 2.63 -7.58
CA LEU A 146 13.62 1.42 -7.69
C LEU A 146 12.97 1.27 -9.07
N ASN A 147 13.50 1.94 -10.09
CA ASN A 147 13.11 1.71 -11.48
C ASN A 147 11.68 2.17 -11.77
N PHE A 148 11.13 3.06 -10.96
CA PHE A 148 9.87 3.73 -11.31
C PHE A 148 10.14 4.75 -12.41
N PRO A 149 9.44 4.68 -13.54
CA PRO A 149 9.52 5.77 -14.53
C PRO A 149 9.21 7.12 -13.91
N ALA A 150 9.74 8.16 -14.55
CA ALA A 150 9.54 9.52 -14.07
C ALA A 150 8.07 9.87 -13.93
N ASP A 151 7.21 9.38 -14.82
CA ASP A 151 5.79 9.73 -14.78
C ASP A 151 4.91 8.63 -14.24
N HIS A 152 5.48 7.67 -13.51
CA HIS A 152 4.67 6.61 -12.92
C HIS A 152 3.59 7.21 -12.01
N PRO A 153 2.36 6.72 -12.06
CA PRO A 153 1.29 7.31 -11.23
C PRO A 153 1.56 7.25 -9.73
N ALA A 154 2.33 6.27 -9.26
CA ALA A 154 2.63 6.21 -7.82
C ALA A 154 3.34 7.46 -7.32
N ARG A 155 4.03 8.20 -8.19
CA ARG A 155 4.75 9.40 -7.78
C ARG A 155 3.84 10.63 -7.67
N GLY A 156 2.54 10.41 -7.58
CA GLY A 156 1.61 11.51 -7.49
C GLY A 156 1.02 11.66 -6.10
N GLU A 157 0.17 12.65 -5.95
CA GLU A 157 -0.47 12.89 -4.67
C GLU A 157 -1.66 12.01 -4.40
N GLN A 158 -2.11 11.28 -5.39
CA GLN A 158 -3.24 10.40 -5.19
C GLN A 158 -2.90 9.21 -4.32
N ASP A 159 -1.67 8.72 -4.41
CA ASP A 159 -1.29 7.56 -3.62
C ASP A 159 -0.19 7.80 -2.59
N THR A 160 0.58 8.86 -2.77
CA THR A 160 1.70 9.14 -1.91
C THR A 160 1.63 10.44 -1.14
N PHE A 161 1.99 10.42 0.13
CA PHE A 161 2.10 11.65 0.90
C PHE A 161 3.40 12.35 0.52
N TYR A 162 3.30 13.57 -0.03
CA TYR A 162 4.49 14.37 -0.32
C TYR A 162 4.70 15.43 0.74
N ILE A 163 5.96 15.79 0.91
CA ILE A 163 6.35 16.86 1.86
C ILE A 163 6.27 18.20 1.12
N ALA A 164 5.59 19.16 1.71
CA ALA A 164 5.44 20.52 1.15
C ALA A 164 6.78 21.25 1.14
N PRO A 165 7.03 22.14 0.16
CA PRO A 165 6.06 22.46 -0.87
C PRO A 165 6.09 21.48 -2.04
N GLU A 166 5.36 21.80 -3.12
CA GLU A 166 5.29 20.91 -4.30
C GLU A 166 6.66 20.76 -4.96
N ASP A 167 6.91 19.57 -5.51
CA ASP A 167 8.18 19.24 -6.19
C ASP A 167 9.36 19.39 -5.23
N SER A 168 9.27 18.84 -4.02
CA SER A 168 10.39 18.93 -3.05
C SER A 168 11.21 17.65 -3.08
N ARG A 169 10.75 16.66 -3.82
CA ARG A 169 11.41 15.34 -3.94
C ARG A 169 11.58 14.73 -2.54
N GLN A 170 10.62 14.99 -1.66
CA GLN A 170 10.66 14.48 -0.31
C GLN A 170 9.27 13.98 0.05
N LEU A 171 9.21 12.83 0.73
CA LEU A 171 7.93 12.16 0.92
C LEU A 171 7.98 11.23 2.14
N LEU A 172 6.80 10.80 2.56
CA LEU A 172 6.67 9.66 3.47
C LEU A 172 6.80 8.38 2.65
N ARG A 173 7.75 7.52 3.02
CA ARG A 173 8.04 6.37 2.17
C ARG A 173 6.81 5.49 2.00
N THR A 174 6.68 4.90 0.80
CA THR A 174 5.53 4.08 0.43
C THR A 174 5.79 2.60 0.59
N HIS A 175 7.02 2.24 0.89
CA HIS A 175 7.49 0.90 1.24
C HIS A 175 8.81 1.05 1.98
N THR A 176 9.31 -0.09 2.50
CA THR A 176 10.59 -0.09 3.18
C THR A 176 11.76 -0.36 2.24
N SER A 177 11.50 -0.56 0.95
CA SER A 177 12.56 -0.76 -0.03
C SER A 177 13.69 0.28 0.01
N PRO A 178 13.44 1.57 0.25
CA PRO A 178 14.58 2.51 0.34
C PRO A 178 15.60 2.08 1.37
N VAL A 179 15.19 1.32 2.39
CA VAL A 179 16.16 0.79 3.35
C VAL A 179 17.08 -0.22 2.67
N GLN A 180 16.54 -1.08 1.83
CA GLN A 180 17.42 -2.02 1.12
C GLN A 180 18.32 -1.29 0.13
N ILE A 181 17.83 -0.23 -0.51
CA ILE A 181 18.72 0.55 -1.37
C ILE A 181 19.87 1.11 -0.54
N ARG A 182 19.55 1.74 0.60
CA ARG A 182 20.60 2.28 1.45
C ARG A 182 21.58 1.20 1.88
N THR A 183 21.07 0.01 2.18
CA THR A 183 21.94 -1.07 2.64
C THR A 183 22.84 -1.58 1.52
N LEU A 184 22.31 -1.69 0.30
CA LEU A 184 23.14 -2.10 -0.83
C LEU A 184 24.26 -1.09 -1.07
N LEU A 185 23.99 0.20 -0.83
CA LEU A 185 25.04 1.21 -1.02
C LEU A 185 26.10 1.12 0.05
N ALA A 186 25.72 0.71 1.28
CA ALA A 186 26.59 0.81 2.43
C ALA A 186 27.44 -0.43 2.66
N ARG A 187 26.97 -1.61 2.27
CA ARG A 187 27.60 -2.86 2.66
C ARG A 187 28.15 -3.61 1.47
N GLU A 188 29.08 -4.53 1.77
CA GLU A 188 29.66 -5.41 0.77
C GLU A 188 28.74 -6.59 0.48
N LEU A 189 28.81 -7.10 -0.75
CA LEU A 189 28.07 -8.29 -1.11
C LEU A 189 28.78 -9.54 -0.59
N PRO A 190 28.05 -10.64 -0.33
CA PRO A 190 26.59 -10.83 -0.46
C PRO A 190 25.80 -10.16 0.66
N VAL A 191 24.53 -9.89 0.40
CA VAL A 191 23.65 -9.19 1.32
C VAL A 191 22.35 -9.98 1.45
N TYR A 192 21.93 -10.23 2.69
CA TYR A 192 20.66 -10.89 2.99
C TYR A 192 20.00 -10.04 4.07
N ILE A 193 19.07 -9.16 3.70
CA ILE A 193 18.61 -8.09 4.57
C ILE A 193 17.09 -8.08 4.66
N ILE A 194 16.58 -8.06 5.89
CA ILE A 194 15.18 -7.79 6.16
C ILE A 194 15.03 -6.34 6.60
N SER A 195 14.02 -5.65 6.08
CA SER A 195 13.67 -4.33 6.57
C SER A 195 12.21 -4.34 6.97
N ILE A 196 11.96 -4.12 8.26
CA ILE A 196 10.61 -4.05 8.82
C ILE A 196 10.42 -2.62 9.28
N GLY A 197 9.28 -2.02 8.93
CA GLY A 197 9.08 -0.66 9.40
C GLY A 197 7.78 -0.06 8.93
N ARG A 198 7.58 1.17 9.38
CA ARG A 198 6.35 1.90 9.14
C ARG A 198 6.37 2.49 7.74
N THR A 199 5.24 2.37 7.03
CA THR A 199 5.11 2.88 5.68
C THR A 199 3.75 3.55 5.55
N PHE A 200 3.58 4.34 4.47
CA PHE A 200 2.49 5.30 4.41
C PHE A 200 1.83 5.31 3.04
N ARG A 201 0.51 5.40 3.04
CA ARG A 201 -0.30 5.36 1.84
C ARG A 201 -1.51 6.24 2.09
N THR A 202 -2.06 6.85 1.05
CA THR A 202 -3.19 7.76 1.25
C THR A 202 -4.52 7.04 1.33
N ASP A 203 -4.58 5.85 1.94
CA ASP A 203 -5.85 5.15 2.16
C ASP A 203 -6.55 5.71 3.38
N GLU A 204 -7.87 5.91 3.27
CA GLU A 204 -8.68 6.21 4.45
C GLU A 204 -8.68 5.01 5.40
N LEU A 205 -8.72 5.31 6.69
CA LEU A 205 -8.84 4.28 7.70
C LEU A 205 -10.23 3.62 7.63
N ASP A 206 -10.27 2.31 7.41
CA ASP A 206 -11.51 1.54 7.53
C ASP A 206 -11.14 0.12 7.96
N ALA A 207 -12.07 -0.82 7.81
CA ALA A 207 -11.90 -2.15 8.39
C ALA A 207 -10.69 -2.87 7.79
N THR A 208 -10.32 -2.56 6.55
CA THR A 208 -9.25 -3.29 5.89
C THR A 208 -8.17 -2.38 5.31
N HIS A 209 -8.15 -1.10 5.67
CA HIS A 209 -7.15 -0.17 5.20
C HIS A 209 -6.75 0.76 6.34
N THR A 210 -5.51 1.23 6.27
CA THR A 210 -5.01 2.23 7.16
C THR A 210 -3.98 3.03 6.38
N PRO A 211 -3.91 4.35 6.56
CA PRO A 211 -2.86 5.13 5.88
C PRO A 211 -1.47 4.86 6.44
N ILE A 212 -1.36 4.42 7.68
CA ILE A 212 -0.10 4.09 8.32
C ILE A 212 -0.08 2.59 8.54
N PHE A 213 0.89 1.90 7.96
CA PHE A 213 0.94 0.45 8.10
C PHE A 213 2.40 0.02 8.21
N HIS A 214 2.60 -1.27 8.43
CA HIS A 214 3.93 -1.82 8.65
C HIS A 214 4.18 -2.90 7.62
N GLN A 215 5.40 -2.93 7.11
CA GLN A 215 5.77 -3.86 6.06
C GLN A 215 7.01 -4.60 6.48
N VAL A 216 7.13 -5.83 5.98
CA VAL A 216 8.39 -6.54 5.95
C VAL A 216 8.82 -6.69 4.49
N GLU A 217 10.05 -6.32 4.18
CA GLU A 217 10.57 -6.67 2.87
C GLU A 217 11.92 -7.31 3.05
N GLY A 218 12.20 -8.32 2.24
CA GLY A 218 13.51 -8.95 2.23
C GLY A 218 14.17 -8.77 0.88
N LEU A 219 15.50 -8.73 0.90
CA LEU A 219 16.32 -8.71 -0.30
C LEU A 219 17.52 -9.61 -0.06
N ALA A 220 17.77 -10.54 -0.97
CA ALA A 220 18.99 -11.35 -0.95
C ALA A 220 19.70 -11.12 -2.28
N VAL A 221 20.97 -10.70 -2.22
CA VAL A 221 21.77 -10.48 -3.41
C VAL A 221 23.07 -11.26 -3.27
N ASP A 222 23.34 -12.15 -4.23
CA ASP A 222 24.47 -13.05 -4.14
C ASP A 222 24.73 -13.58 -5.54
N ARG A 223 25.83 -14.32 -5.70
CA ARG A 223 26.11 -15.00 -6.97
C ARG A 223 25.21 -16.22 -7.12
N GLY A 224 24.48 -16.29 -8.23
CA GLY A 224 23.74 -17.50 -8.53
C GLY A 224 22.43 -17.70 -7.81
N LEU A 225 21.83 -16.66 -7.26
CA LEU A 225 20.51 -16.80 -6.67
C LEU A 225 19.43 -16.94 -7.74
N SER A 226 18.42 -17.76 -7.48
CA SER A 226 17.39 -18.05 -8.46
C SER A 226 15.99 -17.95 -7.83
N MET A 227 14.99 -18.04 -8.70
CA MET A 227 13.60 -18.14 -8.24
C MET A 227 13.40 -19.31 -7.29
N ALA A 228 14.18 -20.38 -7.43
CA ALA A 228 14.02 -21.53 -6.54
C ALA A 228 14.41 -21.17 -5.11
N HIS A 229 15.48 -20.40 -4.94
CA HIS A 229 15.86 -19.90 -3.62
C HIS A 229 14.81 -18.96 -3.06
N LEU A 230 14.20 -18.14 -3.92
CA LEU A 230 13.10 -17.30 -3.48
C LEU A 230 11.99 -18.14 -2.88
N ARG A 231 11.57 -19.18 -3.61
CA ARG A 231 10.50 -20.05 -3.15
C ARG A 231 10.86 -20.76 -1.85
N GLY A 232 12.12 -21.19 -1.72
CA GLY A 232 12.55 -21.85 -0.49
C GLY A 232 12.48 -20.92 0.72
N THR A 233 12.94 -19.68 0.55
CA THR A 233 12.88 -18.71 1.63
C THR A 233 11.43 -18.38 1.98
N LEU A 234 10.58 -18.24 0.95
CA LEU A 234 9.18 -17.94 1.18
C LEU A 234 8.49 -19.08 1.92
N ASP A 235 8.84 -20.33 1.59
CA ASP A 235 8.20 -21.46 2.26
C ASP A 235 8.65 -21.56 3.71
N ALA A 236 9.95 -21.39 3.97
CA ALA A 236 10.45 -21.32 5.35
C ALA A 236 9.73 -20.24 6.13
N PHE A 237 9.63 -19.03 5.54
CA PHE A 237 8.91 -17.94 6.17
C PHE A 237 7.47 -18.34 6.47
N ALA A 238 6.78 -18.94 5.50
CA ALA A 238 5.38 -19.33 5.71
C ALA A 238 5.24 -20.35 6.83
N ARG A 239 6.14 -21.33 6.86
CA ARG A 239 6.07 -22.36 7.90
C ARG A 239 6.22 -21.73 9.29
N ALA A 240 7.09 -20.73 9.41
CA ALA A 240 7.32 -20.08 10.69
C ALA A 240 6.12 -19.25 11.15
N GLU A 241 5.35 -18.68 10.23
CA GLU A 241 4.28 -17.80 10.67
C GLU A 241 2.92 -18.47 10.65
N PHE A 242 2.78 -19.62 9.99
CA PHE A 242 1.49 -20.27 9.82
C PHE A 242 1.50 -21.74 10.13
N GLY A 243 2.67 -22.34 10.38
CA GLY A 243 2.70 -23.72 10.82
C GLY A 243 3.33 -24.63 9.81
N PRO A 244 3.63 -25.87 10.24
CA PRO A 244 4.41 -26.77 9.39
C PRO A 244 3.70 -27.19 8.11
N SER A 245 2.39 -27.02 8.03
CA SER A 245 1.68 -27.39 6.81
C SER A 245 1.58 -26.24 5.80
N ALA A 246 2.07 -25.05 6.13
CA ALA A 246 1.94 -23.92 5.20
C ALA A 246 2.95 -24.04 4.06
N ARG A 247 2.56 -23.50 2.91
CA ARG A 247 3.51 -23.25 1.84
C ARG A 247 2.97 -22.14 0.96
N THR A 248 3.80 -21.69 0.03
CA THR A 248 3.46 -20.57 -0.82
C THR A 248 3.37 -21.03 -2.26
N ARG A 249 2.61 -20.28 -3.06
CA ARG A 249 2.62 -20.41 -4.50
C ARG A 249 2.78 -19.03 -5.10
N ILE A 250 3.33 -18.96 -6.29
CA ILE A 250 3.58 -17.70 -6.97
C ILE A 250 2.89 -17.72 -8.33
N ARG A 251 2.32 -16.57 -8.72
CA ARG A 251 1.75 -16.34 -10.04
C ARG A 251 2.37 -15.07 -10.64
N PRO A 252 2.59 -15.05 -11.95
CA PRO A 252 3.23 -13.87 -12.57
C PRO A 252 2.45 -12.59 -12.35
N HIS A 253 3.16 -11.51 -12.11
CA HIS A 253 2.56 -10.20 -11.92
C HIS A 253 3.56 -9.15 -12.42
N PHE A 254 3.44 -7.91 -11.96
CA PHE A 254 4.37 -6.87 -12.37
C PHE A 254 4.64 -5.89 -11.23
N PHE A 255 5.91 -5.61 -10.98
CA PHE A 255 6.34 -4.47 -10.18
C PHE A 255 7.52 -3.83 -10.90
N PRO A 256 7.68 -2.50 -10.79
CA PRO A 256 8.80 -1.86 -11.50
C PRO A 256 10.18 -2.35 -11.08
N PHE A 257 10.33 -2.84 -9.85
CA PHE A 257 11.65 -3.11 -9.30
C PHE A 257 12.02 -4.59 -9.35
N THR A 258 11.16 -5.44 -9.90
CA THR A 258 11.47 -6.85 -10.05
C THR A 258 11.20 -7.27 -11.48
N GLU A 259 11.88 -8.32 -11.91
CA GLU A 259 11.69 -8.89 -13.24
C GLU A 259 12.43 -10.22 -13.31
N PRO A 260 11.72 -11.35 -13.34
CA PRO A 260 10.26 -11.49 -13.28
C PRO A 260 9.67 -11.12 -11.92
N SER A 261 8.37 -10.85 -11.92
CA SER A 261 7.60 -10.43 -10.76
C SER A 261 6.48 -11.44 -10.52
N ALA A 262 6.09 -11.58 -9.26
CA ALA A 262 5.02 -12.51 -8.93
C ALA A 262 4.27 -12.04 -7.69
N GLU A 263 3.05 -12.51 -7.55
CA GLU A 263 2.30 -12.38 -6.32
C GLU A 263 2.39 -13.68 -5.53
N VAL A 264 2.47 -13.57 -4.20
CA VAL A 264 2.64 -14.72 -3.32
C VAL A 264 1.31 -15.02 -2.63
N ASP A 265 0.83 -16.27 -2.76
CA ASP A 265 -0.26 -16.76 -1.91
C ASP A 265 0.30 -17.73 -0.87
N VAL A 266 -0.31 -17.75 0.30
CA VAL A 266 0.11 -18.68 1.34
C VAL A 266 -1.03 -19.66 1.58
N TRP A 267 -0.69 -20.94 1.69
CA TRP A 267 -1.69 -21.95 2.02
C TRP A 267 -1.85 -21.95 3.53
N PHE A 268 -2.99 -21.45 3.97
CA PHE A 268 -3.25 -21.18 5.38
C PHE A 268 -4.05 -22.36 5.92
N ALA A 269 -3.34 -23.36 6.41
CA ALA A 269 -4.01 -24.59 6.81
C ALA A 269 -4.59 -24.48 8.21
N ASN A 270 -3.76 -24.03 9.17
CA ASN A 270 -4.02 -24.23 10.60
C ASN A 270 -5.50 -23.93 10.90
N LYS A 271 -5.97 -22.83 10.33
CA LYS A 271 -7.34 -22.38 10.46
C LYS A 271 -7.72 -21.39 9.36
N ILE A 272 -8.88 -20.78 9.54
CA ILE A 272 -9.50 -19.80 8.64
C ILE A 272 -10.97 -20.18 8.55
N GLY A 273 -11.32 -21.31 9.17
CA GLY A 273 -12.61 -21.92 8.93
C GLY A 273 -12.62 -22.84 7.74
N GLY A 274 -11.48 -23.45 7.40
CA GLY A 274 -11.36 -24.29 6.22
C GLY A 274 -10.25 -23.82 5.29
N ALA A 275 -9.11 -24.52 5.32
CA ALA A 275 -7.89 -24.09 4.64
C ALA A 275 -8.14 -23.60 3.22
N ALA A 276 -7.42 -22.54 2.85
CA ALA A 276 -7.55 -21.90 1.54
C ALA A 276 -6.28 -21.14 1.25
N TRP A 277 -6.12 -20.75 -0.01
CA TRP A 277 -5.05 -19.84 -0.39
C TRP A 277 -5.45 -18.42 -0.04
N VAL A 278 -4.51 -17.68 0.55
CA VAL A 278 -4.70 -16.28 0.86
C VAL A 278 -3.55 -15.52 0.22
N GLU A 279 -3.88 -14.43 -0.45
CA GLU A 279 -2.81 -13.59 -0.94
C GLU A 279 -2.07 -12.90 0.20
N TRP A 280 -0.74 -13.01 0.13
CA TRP A 280 0.17 -12.61 1.18
C TRP A 280 1.01 -11.41 0.77
N GLY A 281 1.59 -11.42 -0.42
CA GLY A 281 2.29 -10.24 -0.90
C GLY A 281 2.87 -10.41 -2.28
N GLY A 282 4.03 -9.78 -2.52
CA GLY A 282 4.65 -9.80 -3.83
C GLY A 282 6.10 -10.23 -3.71
N CYS A 283 6.66 -10.61 -4.85
CA CYS A 283 8.05 -11.06 -4.88
C CYS A 283 8.56 -11.01 -6.30
N GLY A 284 9.83 -11.33 -6.45
CA GLY A 284 10.42 -11.50 -7.76
C GLY A 284 11.92 -11.44 -7.66
N MET A 285 12.55 -11.43 -8.83
CA MET A 285 13.99 -11.25 -8.94
C MET A 285 14.26 -9.78 -9.06
N VAL A 286 15.17 -9.25 -8.24
CA VAL A 286 15.40 -7.81 -8.28
C VAL A 286 15.82 -7.42 -9.70
N HIS A 287 15.26 -6.32 -10.17
CA HIS A 287 15.44 -5.87 -11.54
C HIS A 287 16.87 -5.40 -11.77
N PRO A 288 17.48 -5.73 -12.91
CA PRO A 288 18.86 -5.32 -13.16
C PRO A 288 19.10 -3.82 -13.07
N ASN A 289 18.09 -3.00 -13.39
CA ASN A 289 18.26 -1.55 -13.23
C ASN A 289 18.43 -1.16 -11.77
N VAL A 290 17.83 -1.92 -10.85
CA VAL A 290 18.03 -1.61 -9.43
C VAL A 290 19.46 -1.93 -9.03
N LEU A 291 19.99 -3.04 -9.52
CA LEU A 291 21.38 -3.38 -9.25
C LEU A 291 22.33 -2.35 -9.86
N ARG A 292 22.03 -1.90 -11.10
CA ARG A 292 22.88 -0.90 -11.74
C ARG A 292 22.91 0.40 -10.96
N ALA A 293 21.74 0.85 -10.49
CA ALA A 293 21.68 2.09 -9.73
C ALA A 293 22.33 1.97 -8.35
N THR A 294 22.72 0.77 -7.92
CA THR A 294 23.54 0.63 -6.71
C THR A 294 24.96 0.17 -7.03
N GLY A 295 25.38 0.21 -8.29
CA GLY A 295 26.75 -0.09 -8.60
C GLY A 295 27.08 -1.56 -8.57
N ILE A 296 26.10 -2.41 -8.82
CA ILE A 296 26.26 -3.86 -8.76
C ILE A 296 26.07 -4.40 -10.17
N ASP A 297 26.98 -5.27 -10.58
CA ASP A 297 26.99 -5.86 -11.91
C ASP A 297 25.96 -6.99 -12.01
N PRO A 298 24.86 -6.79 -12.74
CA PRO A 298 23.83 -7.84 -12.84
C PRO A 298 24.28 -9.06 -13.62
N ASP A 299 25.43 -9.03 -14.28
CA ASP A 299 25.95 -10.24 -14.89
C ASP A 299 26.70 -11.13 -13.90
N LEU A 300 27.12 -10.59 -12.75
CA LEU A 300 27.74 -11.40 -11.71
C LEU A 300 26.79 -11.73 -10.57
N TYR A 301 25.90 -10.80 -10.19
CA TYR A 301 25.02 -10.97 -9.06
C TYR A 301 23.56 -11.00 -9.48
N SER A 302 22.78 -11.83 -8.82
CA SER A 302 21.34 -11.79 -8.94
C SER A 302 20.74 -11.73 -7.55
N GLY A 303 19.46 -11.44 -7.47
CA GLY A 303 18.84 -11.23 -6.19
C GLY A 303 17.35 -11.46 -6.25
N PHE A 304 16.79 -11.89 -5.12
CA PHE A 304 15.35 -12.01 -4.99
C PHE A 304 14.85 -11.12 -3.86
N ALA A 305 13.56 -10.83 -3.92
CA ALA A 305 12.95 -9.80 -3.08
C ALA A 305 11.51 -10.18 -2.83
N PHE A 306 10.97 -9.70 -1.71
CA PHE A 306 9.58 -10.00 -1.35
C PHE A 306 9.14 -8.99 -0.30
N GLY A 307 7.83 -8.81 -0.20
CA GLY A 307 7.27 -7.90 0.77
C GLY A 307 5.86 -8.29 1.17
N MET A 308 5.50 -8.09 2.45
CA MET A 308 4.18 -8.41 2.96
C MET A 308 3.81 -7.31 3.95
N GLY A 309 2.50 -7.07 4.10
CA GLY A 309 2.03 -6.10 5.08
C GLY A 309 1.72 -6.78 6.40
N LEU A 310 2.21 -6.24 7.50
CA LEU A 310 2.00 -6.86 8.82
C LEU A 310 0.53 -6.76 9.27
N GLU A 311 -0.10 -5.63 9.10
CA GLU A 311 -1.52 -5.49 9.50
C GLU A 311 -2.37 -6.49 8.71
N ARG A 312 -2.13 -6.63 7.40
CA ARG A 312 -2.90 -7.57 6.56
C ARG A 312 -2.67 -9.01 7.02
N THR A 313 -1.43 -9.36 7.33
CA THR A 313 -1.10 -10.72 7.79
C THR A 313 -1.82 -10.99 9.10
N LEU A 314 -1.75 -10.05 10.04
CA LEU A 314 -2.42 -10.21 11.34
C LEU A 314 -3.93 -10.32 11.15
N GLN A 315 -4.48 -9.52 10.24
CA GLN A 315 -5.92 -9.52 9.97
C GLN A 315 -6.40 -10.89 9.48
N PHE A 316 -5.71 -11.50 8.52
CA PHE A 316 -6.27 -12.76 8.03
C PHE A 316 -5.80 -13.95 8.85
N ARG A 317 -4.62 -13.88 9.48
CA ARG A 317 -4.18 -14.99 10.32
C ARG A 317 -5.00 -15.10 11.60
N ASN A 318 -5.17 -14.00 12.32
CA ASN A 318 -5.91 -14.06 13.57
C ASN A 318 -7.41 -13.92 13.39
N GLY A 319 -7.86 -13.55 12.19
CA GLY A 319 -9.28 -13.28 12.01
C GLY A 319 -9.74 -12.05 12.75
N ILE A 320 -9.04 -10.93 12.56
CA ILE A 320 -9.37 -9.66 13.20
C ILE A 320 -10.11 -8.81 12.17
N PRO A 321 -11.41 -8.60 12.32
CA PRO A 321 -12.18 -8.03 11.20
C PRO A 321 -12.00 -6.54 10.99
N ASP A 322 -11.51 -5.80 11.97
CA ASP A 322 -11.44 -4.35 11.88
C ASP A 322 -10.03 -3.85 12.17
N MET A 323 -9.32 -3.39 11.13
CA MET A 323 -7.98 -2.83 11.32
C MET A 323 -7.98 -1.61 12.25
N ARG A 324 -9.10 -0.90 12.40
CA ARG A 324 -9.14 0.23 13.33
C ARG A 324 -8.69 -0.20 14.72
N ASP A 325 -8.96 -1.44 15.11
CA ASP A 325 -8.54 -1.92 16.40
C ASP A 325 -7.01 -2.01 16.50
N MET A 326 -6.33 -2.31 15.39
CA MET A 326 -4.88 -2.41 15.46
C MET A 326 -4.22 -1.05 15.62
N VAL A 327 -4.88 0.04 15.24
CA VAL A 327 -4.24 1.35 15.21
C VAL A 327 -4.80 2.33 16.24
N GLU A 328 -5.92 2.03 16.89
CA GLU A 328 -6.54 3.06 17.72
C GLU A 328 -5.99 3.12 19.14
N GLY A 329 -5.32 2.08 19.61
CA GLY A 329 -4.66 2.17 20.91
C GLY A 329 -5.53 1.82 22.10
N ASP A 330 -6.64 1.13 21.88
CA ASP A 330 -7.47 0.69 22.99
C ASP A 330 -6.74 -0.42 23.74
N VAL A 331 -6.55 -0.27 25.05
CA VAL A 331 -5.83 -1.31 25.79
C VAL A 331 -6.54 -2.66 25.68
N ARG A 332 -7.85 -2.67 25.46
CA ARG A 332 -8.56 -3.95 25.35
C ARG A 332 -8.15 -4.74 24.12
N PHE A 333 -7.66 -4.07 23.08
CA PHE A 333 -7.14 -4.83 21.95
C PHE A 333 -5.83 -5.51 22.31
N SER A 334 -4.96 -4.82 23.06
CA SER A 334 -3.60 -5.31 23.26
C SER A 334 -3.49 -6.34 24.37
N LEU A 335 -4.12 -6.09 25.51
CA LEU A 335 -3.87 -6.91 26.70
C LEU A 335 -4.06 -8.41 26.48
N PRO A 336 -5.05 -8.87 25.69
CA PRO A 336 -5.17 -10.34 25.45
C PRO A 336 -4.00 -10.96 24.69
N PHE A 337 -3.12 -10.18 24.10
CA PHE A 337 -1.97 -10.75 23.43
C PHE A 337 -0.84 -11.06 24.41
N GLY A 338 -0.99 -10.68 25.66
CA GLY A 338 0.02 -10.92 26.66
C GLY A 338 1.08 -9.84 26.63
N VAL A 339 2.05 -10.02 27.53
CA VAL A 339 3.07 -9.00 27.77
C VAL A 339 3.99 -8.88 26.57
N GLY A 340 4.33 -10.01 25.95
CA GLY A 340 5.32 -9.99 24.88
C GLY A 340 6.76 -9.95 25.36
N ALA A 341 7.01 -10.32 26.61
CA ALA A 341 8.38 -10.46 27.10
C ALA A 341 8.95 -11.82 26.69
N MET B 1 -10.39 -4.57 -18.11
CA MET B 1 -10.85 -4.88 -19.44
C MET B 1 -11.78 -6.09 -19.53
N ARG B 2 -12.92 -5.86 -20.17
CA ARG B 2 -13.98 -6.84 -20.36
C ARG B 2 -13.98 -7.35 -21.79
N LEU B 3 -14.14 -8.66 -21.96
CA LEU B 3 -14.39 -9.14 -23.32
C LEU B 3 -15.13 -10.47 -23.25
N PRO B 4 -15.96 -10.79 -24.25
CA PRO B 4 -16.71 -12.06 -24.25
C PRO B 4 -15.90 -13.21 -24.81
N TYR B 5 -16.11 -14.38 -24.21
CA TYR B 5 -15.38 -15.57 -24.62
C TYR B 5 -15.58 -15.88 -26.10
N SER B 6 -16.81 -15.72 -26.60
CA SER B 6 -17.12 -16.02 -28.00
C SER B 6 -16.19 -15.26 -28.94
N TRP B 7 -16.02 -13.97 -28.70
CA TRP B 7 -15.14 -13.17 -29.55
C TRP B 7 -13.71 -13.65 -29.46
N LEU B 8 -13.22 -13.82 -28.23
CA LEU B 8 -11.87 -14.29 -28.02
C LEU B 8 -11.67 -15.64 -28.71
N ARG B 9 -12.66 -16.51 -28.54
CA ARG B 9 -12.62 -17.84 -29.14
C ARG B 9 -12.54 -17.75 -30.66
N GLU B 10 -13.38 -16.91 -31.26
CA GLU B 10 -13.39 -16.75 -32.72
C GLU B 10 -12.01 -16.33 -33.25
N VAL B 11 -11.33 -15.42 -32.55
CA VAL B 11 -10.00 -15.01 -33.03
C VAL B 11 -9.00 -16.15 -32.86
N VAL B 12 -9.06 -16.88 -31.73
CA VAL B 12 -8.14 -17.99 -31.56
C VAL B 12 -8.41 -19.07 -32.60
N ALA B 13 -9.68 -19.27 -32.95
CA ALA B 13 -10.04 -20.41 -33.79
C ALA B 13 -9.56 -20.28 -35.24
N VAL B 14 -9.22 -19.07 -35.71
CA VAL B 14 -8.76 -18.93 -37.10
C VAL B 14 -7.53 -19.81 -37.33
N GLY B 15 -6.54 -19.70 -36.47
CA GLY B 15 -5.35 -20.50 -36.61
C GLY B 15 -5.43 -21.89 -36.02
N ALA B 16 -6.45 -22.17 -35.18
CA ALA B 16 -6.59 -23.47 -34.52
C ALA B 16 -8.08 -23.78 -34.46
N SER B 17 -8.62 -24.30 -35.56
CA SER B 17 -10.05 -24.53 -35.62
C SER B 17 -10.46 -25.61 -34.63
N GLY B 18 -11.67 -25.45 -34.09
CA GLY B 18 -12.15 -26.35 -33.07
C GLY B 18 -11.78 -25.98 -31.65
N TRP B 19 -10.81 -25.07 -31.45
CA TRP B 19 -10.39 -24.72 -30.11
C TRP B 19 -11.56 -24.21 -29.29
N ASP B 20 -11.68 -24.74 -28.07
CA ASP B 20 -12.81 -24.45 -27.20
C ASP B 20 -12.49 -24.99 -25.81
N VAL B 21 -12.66 -24.17 -24.77
CA VAL B 21 -12.33 -24.55 -23.40
C VAL B 21 -13.42 -24.01 -22.48
N THR B 22 -13.53 -24.64 -21.31
CA THR B 22 -14.52 -24.20 -20.33
C THR B 22 -14.08 -22.88 -19.70
N PRO B 23 -15.02 -22.12 -19.14
CA PRO B 23 -14.63 -20.88 -18.46
C PRO B 23 -13.64 -21.10 -17.34
N GLY B 24 -13.84 -22.17 -16.54
CA GLY B 24 -12.93 -22.44 -15.43
C GLY B 24 -11.51 -22.70 -15.90
N GLU B 25 -11.36 -23.50 -16.94
CA GLU B 25 -10.01 -23.75 -17.44
C GLU B 25 -9.39 -22.48 -18.02
N LEU B 26 -10.19 -21.66 -18.71
CA LEU B 26 -9.66 -20.42 -19.28
C LEU B 26 -9.18 -19.49 -18.17
N GLU B 27 -10.02 -19.30 -17.15
CA GLU B 27 -9.61 -18.53 -15.99
C GLU B 27 -8.25 -19.00 -15.46
N GLN B 28 -8.12 -20.31 -15.24
CA GLN B 28 -6.89 -20.84 -14.67
C GLN B 28 -5.68 -20.61 -15.59
N THR B 29 -5.87 -20.77 -16.90
CA THR B 29 -4.76 -20.55 -17.82
C THR B 29 -4.34 -19.08 -17.81
N LEU B 30 -5.31 -18.17 -17.72
CA LEU B 30 -4.98 -16.76 -17.73
C LEU B 30 -4.22 -16.37 -16.46
N LEU B 31 -4.66 -16.86 -15.29
CA LEU B 31 -3.95 -16.59 -14.04
C LEU B 31 -2.51 -17.07 -14.10
N ARG B 32 -2.27 -18.27 -14.62
CA ARG B 32 -0.92 -18.81 -14.57
C ARG B 32 0.05 -18.10 -15.50
N ILE B 33 -0.41 -17.47 -16.59
CA ILE B 33 0.54 -16.75 -17.43
C ILE B 33 0.62 -15.28 -17.06
N GLY B 34 -0.18 -14.82 -16.10
CA GLY B 34 0.01 -13.53 -15.49
C GLY B 34 -1.14 -12.57 -15.60
N HIS B 35 -2.31 -12.94 -16.11
CA HIS B 35 -3.42 -12.00 -16.24
C HIS B 35 -4.40 -12.21 -15.10
N GLU B 36 -4.62 -11.16 -14.32
CA GLU B 36 -5.56 -11.24 -13.22
C GLU B 36 -6.99 -11.27 -13.73
N VAL B 37 -7.75 -12.30 -13.35
CA VAL B 37 -9.15 -12.42 -13.73
C VAL B 37 -9.97 -11.93 -12.54
N GLU B 38 -10.52 -10.71 -12.64
CA GLU B 38 -11.29 -10.16 -11.55
C GLU B 38 -12.66 -10.82 -11.44
N GLU B 39 -13.24 -11.24 -12.56
CA GLU B 39 -14.57 -11.80 -12.53
C GLU B 39 -14.82 -12.56 -13.82
N VAL B 40 -15.56 -13.66 -13.69
CA VAL B 40 -16.06 -14.47 -14.80
C VAL B 40 -17.57 -14.40 -14.74
N ILE B 41 -18.20 -13.84 -15.77
CA ILE B 41 -19.62 -13.51 -15.70
C ILE B 41 -20.36 -14.26 -16.79
N PRO B 42 -20.93 -15.43 -16.51
CA PRO B 42 -21.79 -16.08 -17.51
C PRO B 42 -23.05 -15.25 -17.72
N LEU B 43 -23.42 -15.06 -18.99
CA LEU B 43 -24.59 -14.23 -19.27
C LEU B 43 -25.81 -14.92 -18.70
N GLY B 44 -26.49 -14.22 -17.77
CA GLY B 44 -27.37 -14.85 -16.80
C GLY B 44 -28.41 -15.62 -17.52
N PRO B 45 -28.82 -16.76 -16.97
CA PRO B 45 -29.72 -17.64 -17.72
C PRO B 45 -31.11 -17.06 -17.75
N VAL B 46 -31.81 -17.33 -18.85
CA VAL B 46 -33.25 -17.11 -18.89
C VAL B 46 -33.90 -18.45 -19.14
N ASP B 47 -35.17 -18.53 -18.77
CA ASP B 47 -35.95 -19.73 -19.05
C ASP B 47 -37.37 -19.32 -19.40
N GLY B 48 -38.01 -20.13 -20.24
CA GLY B 48 -39.38 -19.88 -20.63
C GLY B 48 -39.47 -18.85 -21.74
N PRO B 49 -40.63 -18.23 -21.87
CA PRO B 49 -40.88 -17.33 -23.01
C PRO B 49 -40.26 -15.94 -22.83
N VAL B 50 -38.99 -15.85 -23.15
CA VAL B 50 -38.30 -14.57 -23.30
C VAL B 50 -37.97 -14.47 -24.78
N THR B 51 -38.68 -13.58 -25.49
CA THR B 51 -38.58 -13.58 -26.95
C THR B 51 -38.45 -12.16 -27.44
N VAL B 52 -38.05 -12.02 -28.70
CA VAL B 52 -38.09 -10.73 -29.38
C VAL B 52 -39.56 -10.33 -29.60
N GLY B 53 -39.87 -9.07 -29.34
CA GLY B 53 -41.17 -8.52 -29.68
C GLY B 53 -40.98 -7.24 -30.47
N ARG B 54 -42.07 -6.80 -31.10
CA ARG B 54 -42.05 -5.52 -31.82
C ARG B 54 -43.14 -4.62 -31.27
N VAL B 55 -42.75 -3.41 -30.85
CA VAL B 55 -43.70 -2.45 -30.30
C VAL B 55 -44.60 -1.94 -31.42
N ALA B 56 -45.90 -2.17 -31.31
CA ALA B 56 -46.85 -1.81 -32.35
C ALA B 56 -47.77 -0.66 -31.96
N ASP B 57 -47.85 -0.34 -30.68
CA ASP B 57 -48.70 0.73 -30.22
C ASP B 57 -48.13 1.23 -28.89
N ILE B 58 -48.24 2.54 -28.64
CA ILE B 58 -47.86 3.11 -27.35
C ILE B 58 -48.96 4.04 -26.90
N GLU B 59 -49.55 3.76 -25.75
CA GLU B 59 -50.52 4.61 -25.13
C GLU B 59 -49.90 5.17 -23.85
N GLU B 60 -50.02 6.49 -23.67
CA GLU B 60 -49.42 7.15 -22.51
C GLU B 60 -50.44 7.19 -21.38
N LEU B 61 -50.13 6.54 -20.26
CA LEU B 61 -50.98 6.59 -19.07
C LEU B 61 -50.61 7.83 -18.25
N THR B 62 -51.62 8.62 -17.90
CA THR B 62 -51.40 9.85 -17.15
C THR B 62 -51.90 9.70 -15.72
N GLY B 63 -51.45 10.62 -14.86
CA GLY B 63 -51.93 10.71 -13.51
C GLY B 63 -51.00 10.16 -12.45
N TYR B 64 -49.94 9.46 -12.83
CA TYR B 64 -48.99 8.90 -11.88
C TYR B 64 -47.76 9.80 -11.83
N LYS B 65 -46.91 9.54 -10.84
CA LYS B 65 -45.69 10.33 -10.68
C LYS B 65 -44.89 10.34 -11.98
N LYS B 66 -44.55 9.15 -12.48
CA LYS B 66 -43.71 8.95 -13.64
C LYS B 66 -44.55 8.87 -14.92
N PRO B 67 -43.93 9.10 -16.07
CA PRO B 67 -44.59 8.75 -17.34
C PRO B 67 -44.61 7.23 -17.53
N ILE B 68 -45.78 6.69 -17.89
CA ILE B 68 -45.97 5.24 -18.01
C ILE B 68 -46.64 4.92 -19.33
N ARG B 69 -46.25 3.79 -19.92
CA ARG B 69 -46.67 3.39 -21.26
C ARG B 69 -47.34 2.03 -21.23
N ALA B 70 -48.53 1.94 -21.85
CA ALA B 70 -49.19 0.68 -22.15
C ALA B 70 -48.94 0.37 -23.62
N CYS B 71 -48.20 -0.70 -23.89
CA CYS B 71 -47.75 -1.01 -25.25
C CYS B 71 -48.38 -2.28 -25.76
N ALA B 72 -48.94 -2.22 -26.96
CA ALA B 72 -49.27 -3.45 -27.71
C ALA B 72 -47.98 -3.97 -28.32
N VAL B 73 -47.66 -5.23 -28.04
CA VAL B 73 -46.40 -5.81 -28.49
C VAL B 73 -46.70 -7.07 -29.30
N ASP B 74 -46.14 -7.12 -30.50
CA ASP B 74 -46.23 -8.29 -31.35
C ASP B 74 -45.19 -9.31 -30.90
N ILE B 75 -45.64 -10.50 -30.52
CA ILE B 75 -44.74 -11.50 -29.95
C ILE B 75 -44.60 -12.71 -30.87
N GLY B 76 -45.00 -12.60 -32.13
CA GLY B 76 -44.88 -13.70 -33.06
C GLY B 76 -46.22 -14.36 -33.34
N ASP B 77 -46.29 -15.05 -34.48
CA ASP B 77 -47.50 -15.71 -34.98
C ASP B 77 -48.72 -14.81 -34.82
N ARG B 78 -48.53 -13.53 -35.11
CA ARG B 78 -49.60 -12.51 -35.12
C ARG B 78 -50.33 -12.43 -33.78
N GLN B 79 -49.60 -12.67 -32.70
CA GLN B 79 -50.12 -12.53 -31.33
C GLN B 79 -49.65 -11.21 -30.75
N TYR B 80 -50.59 -10.44 -30.19
CA TYR B 80 -50.30 -9.13 -29.60
C TYR B 80 -50.64 -9.17 -28.11
N ARG B 81 -49.75 -8.62 -27.27
CA ARG B 81 -49.91 -8.61 -25.82
C ARG B 81 -49.77 -7.19 -25.29
N GLU B 82 -50.62 -6.82 -24.33
CA GLU B 82 -50.51 -5.53 -23.66
C GLU B 82 -49.46 -5.63 -22.57
N ILE B 83 -48.48 -4.72 -22.60
CA ILE B 83 -47.38 -4.73 -21.65
C ILE B 83 -47.16 -3.33 -21.14
N ILE B 84 -47.09 -3.18 -19.81
CA ILE B 84 -46.83 -1.90 -19.16
C ILE B 84 -45.33 -1.72 -18.97
N CYS B 85 -44.84 -0.51 -19.25
CA CYS B 85 -43.41 -0.27 -19.19
C CYS B 85 -43.17 1.18 -18.83
N GLY B 86 -42.16 1.42 -17.98
CA GLY B 86 -41.85 2.75 -17.53
C GLY B 86 -40.73 3.42 -18.31
N ALA B 87 -39.98 2.64 -19.10
CA ALA B 87 -38.93 3.23 -19.89
C ALA B 87 -39.51 4.16 -20.97
N THR B 88 -38.65 4.98 -21.56
CA THR B 88 -39.05 5.91 -22.61
C THR B 88 -38.13 5.90 -23.81
N ASN B 89 -37.09 5.06 -23.82
CA ASN B 89 -36.11 5.07 -24.90
C ASN B 89 -36.50 4.14 -26.05
N PHE B 90 -37.77 4.11 -26.45
CA PHE B 90 -38.19 3.27 -27.57
C PHE B 90 -39.42 3.92 -28.20
N ALA B 91 -39.68 3.53 -29.44
CA ALA B 91 -40.80 4.05 -30.20
C ALA B 91 -41.56 2.90 -30.88
N VAL B 92 -42.79 3.20 -31.33
CA VAL B 92 -43.54 2.27 -32.18
C VAL B 92 -42.64 1.81 -33.32
N GLY B 93 -42.62 0.50 -33.58
CA GLY B 93 -41.78 -0.09 -34.60
C GLY B 93 -40.51 -0.73 -34.08
N ASP B 94 -40.13 -0.46 -32.83
CA ASP B 94 -38.87 -0.96 -32.29
C ASP B 94 -38.95 -2.44 -31.94
N LEU B 95 -37.86 -3.17 -32.20
CA LEU B 95 -37.65 -4.50 -31.65
C LEU B 95 -37.17 -4.41 -30.22
N VAL B 96 -37.80 -5.19 -29.34
CA VAL B 96 -37.48 -5.25 -27.92
C VAL B 96 -37.47 -6.72 -27.49
N VAL B 97 -37.12 -6.95 -26.22
CA VAL B 97 -37.09 -8.29 -25.66
C VAL B 97 -38.11 -8.35 -24.54
N VAL B 98 -39.14 -9.19 -24.71
CA VAL B 98 -40.20 -9.32 -23.71
C VAL B 98 -40.00 -10.62 -22.95
N ALA B 99 -40.16 -10.53 -21.63
CA ALA B 99 -40.27 -11.70 -20.77
C ALA B 99 -41.77 -11.85 -20.48
N LEU B 100 -42.35 -12.94 -20.95
CA LEU B 100 -43.79 -13.16 -20.92
C LEU B 100 -44.17 -14.05 -19.73
N PRO B 101 -45.46 -14.11 -19.37
CA PRO B 101 -45.87 -14.98 -18.26
C PRO B 101 -45.31 -16.39 -18.41
N GLY B 102 -44.70 -16.89 -17.35
CA GLY B 102 -44.05 -18.17 -17.35
C GLY B 102 -42.54 -18.09 -17.43
N ALA B 103 -42.00 -16.94 -17.82
CA ALA B 103 -40.56 -16.79 -17.95
C ALA B 103 -39.92 -16.59 -16.59
N THR B 104 -38.64 -16.94 -16.49
CA THR B 104 -37.82 -16.61 -15.35
C THR B 104 -36.57 -15.89 -15.82
N LEU B 105 -36.31 -14.76 -15.22
CA LEU B 105 -35.19 -13.87 -15.46
C LEU B 105 -34.11 -14.11 -14.42
N PRO B 106 -32.85 -13.77 -14.73
CA PRO B 106 -31.76 -13.99 -13.78
C PRO B 106 -32.06 -13.42 -12.41
N GLY B 107 -31.61 -14.13 -11.38
CA GLY B 107 -31.94 -13.80 -10.01
C GLY B 107 -33.26 -14.37 -9.53
N GLY B 108 -33.80 -15.38 -10.23
CA GLY B 108 -35.00 -16.06 -9.78
C GLY B 108 -36.30 -15.30 -9.93
N PHE B 109 -36.34 -14.24 -10.72
CA PHE B 109 -37.57 -13.48 -10.92
C PHE B 109 -38.47 -14.21 -11.91
N THR B 110 -39.59 -14.75 -11.39
CA THR B 110 -40.69 -15.24 -12.20
C THR B 110 -41.61 -14.13 -12.68
N ILE B 111 -41.98 -14.19 -13.96
CA ILE B 111 -42.90 -13.24 -14.57
C ILE B 111 -44.31 -13.79 -14.50
N SER B 112 -45.24 -12.97 -14.01
CA SER B 112 -46.65 -13.30 -13.96
C SER B 112 -47.44 -12.15 -14.56
N ALA B 113 -48.67 -12.42 -14.99
CA ALA B 113 -49.55 -11.39 -15.53
C ALA B 113 -50.18 -10.64 -14.37
N ARG B 114 -49.41 -9.73 -13.78
CA ARG B 114 -49.99 -8.89 -12.74
C ARG B 114 -50.72 -7.70 -13.37
N LYS B 115 -51.54 -7.05 -12.55
CA LYS B 115 -52.16 -5.79 -12.91
C LYS B 115 -51.30 -4.64 -12.38
N ALA B 116 -50.94 -3.72 -13.28
CA ALA B 116 -50.06 -2.61 -12.93
C ALA B 116 -50.61 -1.31 -13.49
N TYR B 117 -50.57 -0.25 -12.66
CA TYR B 117 -50.89 1.11 -13.10
C TYR B 117 -52.26 1.19 -13.77
N GLY B 118 -53.20 0.35 -13.35
CA GLY B 118 -54.56 0.41 -13.81
C GLY B 118 -54.91 -0.58 -14.90
N ARG B 119 -53.93 -1.12 -15.60
CA ARG B 119 -54.17 -2.06 -16.67
C ARG B 119 -53.58 -3.43 -16.34
N ASN B 120 -53.95 -4.40 -17.15
CA ASN B 120 -53.35 -5.72 -17.05
C ASN B 120 -52.11 -5.75 -17.95
N SER B 121 -51.03 -6.36 -17.45
CA SER B 121 -49.77 -6.42 -18.18
C SER B 121 -49.33 -7.87 -18.29
N ASP B 122 -49.24 -8.38 -19.52
CA ASP B 122 -48.77 -9.74 -19.78
C ASP B 122 -47.25 -9.77 -19.91
N GLY B 123 -46.58 -9.43 -18.82
CA GLY B 123 -45.14 -9.49 -18.79
C GLY B 123 -44.51 -8.11 -18.80
N MET B 124 -43.27 -8.07 -19.29
CA MET B 124 -42.47 -6.87 -19.19
C MET B 124 -41.51 -6.79 -20.37
N ILE B 125 -41.16 -5.57 -20.73
CA ILE B 125 -40.06 -5.31 -21.65
C ILE B 125 -38.78 -5.17 -20.83
N CYS B 126 -37.72 -5.84 -21.27
CA CYS B 126 -36.54 -6.07 -20.44
C CYS B 126 -35.39 -5.11 -20.72
N SER B 127 -34.69 -4.72 -19.65
CA SER B 127 -33.42 -4.03 -19.78
C SER B 127 -32.30 -5.03 -20.01
N ALA B 128 -31.16 -4.55 -20.52
CA ALA B 128 -29.99 -5.40 -20.66
C ALA B 128 -29.53 -5.96 -19.31
N ALA B 129 -29.76 -5.21 -18.23
CA ALA B 129 -29.34 -5.66 -16.91
C ALA B 129 -30.28 -6.75 -16.38
N GLU B 130 -31.59 -6.54 -16.52
CA GLU B 130 -32.55 -7.57 -16.15
C GLU B 130 -32.34 -8.88 -16.91
N LEU B 131 -31.69 -8.84 -18.07
CA LEU B 131 -31.34 -10.06 -18.76
C LEU B 131 -29.95 -10.56 -18.39
N ASN B 132 -29.27 -9.87 -17.49
CA ASN B 132 -27.85 -10.10 -17.23
C ASN B 132 -27.09 -10.19 -18.55
N LEU B 133 -27.31 -9.18 -19.38
CA LEU B 133 -26.64 -9.06 -20.67
C LEU B 133 -25.55 -8.00 -20.64
N GLY B 134 -25.79 -6.89 -19.97
CA GLY B 134 -24.79 -5.84 -19.89
C GLY B 134 -25.18 -4.81 -18.86
N ALA B 135 -24.47 -3.70 -18.89
CA ALA B 135 -24.50 -2.76 -17.77
C ALA B 135 -25.90 -2.18 -17.58
N ASP B 136 -26.27 -2.02 -16.31
CA ASP B 136 -27.55 -1.42 -15.93
C ASP B 136 -27.54 0.07 -16.27
N HIS B 137 -28.25 0.44 -17.33
CA HIS B 137 -28.42 1.84 -17.67
C HIS B 137 -29.91 2.15 -17.78
N SER B 138 -30.20 3.42 -18.08
CA SER B 138 -31.59 3.85 -18.12
C SER B 138 -32.29 3.23 -19.32
N GLY B 139 -33.53 2.80 -19.10
CA GLY B 139 -34.36 2.29 -20.18
C GLY B 139 -34.06 0.85 -20.59
N ILE B 140 -34.90 0.36 -21.50
CA ILE B 140 -34.89 -1.04 -21.89
C ILE B 140 -33.99 -1.24 -23.10
N LEU B 141 -33.79 -2.50 -23.48
CA LEU B 141 -32.94 -2.86 -24.60
C LEU B 141 -33.73 -2.81 -25.91
N VAL B 142 -33.22 -2.07 -26.89
CA VAL B 142 -33.82 -1.97 -28.22
C VAL B 142 -32.88 -2.63 -29.22
N LEU B 143 -33.37 -3.68 -29.92
CA LEU B 143 -32.47 -4.27 -30.88
C LEU B 143 -32.53 -3.53 -32.22
N PRO B 144 -31.44 -3.49 -32.99
CA PRO B 144 -31.47 -2.74 -34.24
C PRO B 144 -32.40 -3.38 -35.23
N PRO B 145 -32.99 -2.60 -36.15
CA PRO B 145 -33.91 -3.16 -37.15
C PRO B 145 -33.31 -4.34 -37.91
N GLY B 146 -34.16 -5.31 -38.21
CA GLY B 146 -33.73 -6.52 -38.89
C GLY B 146 -32.92 -7.48 -38.05
N ALA B 147 -32.69 -7.21 -36.77
CA ALA B 147 -31.87 -8.12 -35.95
C ALA B 147 -32.53 -9.49 -35.80
N ALA B 148 -33.86 -9.52 -35.73
CA ALA B 148 -34.62 -10.75 -35.57
C ALA B 148 -36.09 -10.41 -35.79
N GLU B 149 -36.90 -11.47 -35.99
CA GLU B 149 -38.34 -11.30 -36.16
C GLU B 149 -39.03 -11.40 -34.80
N PRO B 150 -40.17 -10.72 -34.62
CA PRO B 150 -40.97 -10.95 -33.42
C PRO B 150 -41.21 -12.44 -33.19
N GLY B 151 -41.08 -12.87 -31.93
CA GLY B 151 -41.20 -14.27 -31.56
C GLY B 151 -39.91 -15.06 -31.55
N ALA B 152 -38.83 -14.52 -32.09
CA ALA B 152 -37.56 -15.25 -32.04
C ALA B 152 -37.11 -15.44 -30.60
N ASP B 153 -36.38 -16.51 -30.37
CA ASP B 153 -36.02 -16.89 -29.01
C ASP B 153 -34.95 -15.94 -28.47
N GLY B 154 -35.25 -15.32 -27.31
CA GLY B 154 -34.36 -14.32 -26.75
C GLY B 154 -32.95 -14.85 -26.50
N ALA B 155 -32.84 -15.98 -25.80
CA ALA B 155 -31.51 -16.49 -25.45
C ALA B 155 -30.63 -16.64 -26.68
N GLY B 156 -31.19 -17.13 -27.79
CA GLY B 156 -30.39 -17.34 -28.98
C GLY B 156 -30.04 -16.04 -29.68
N VAL B 157 -30.99 -15.12 -29.78
CA VAL B 157 -30.72 -13.84 -30.44
C VAL B 157 -29.68 -13.05 -29.66
N LEU B 158 -29.86 -12.97 -28.33
CA LEU B 158 -28.96 -12.24 -27.45
C LEU B 158 -27.63 -12.95 -27.20
N GLY B 159 -27.50 -14.22 -27.60
CA GLY B 159 -26.28 -14.96 -27.29
C GLY B 159 -26.01 -15.11 -25.80
N LEU B 160 -27.00 -15.58 -25.04
CA LEU B 160 -26.88 -15.63 -23.59
C LEU B 160 -26.08 -16.82 -23.07
N ASP B 161 -25.54 -17.68 -23.92
CA ASP B 161 -24.64 -18.71 -23.47
C ASP B 161 -23.19 -18.27 -23.49
N ASP B 162 -22.92 -16.98 -23.74
CA ASP B 162 -21.57 -16.43 -23.71
C ASP B 162 -21.12 -16.23 -22.26
N VAL B 163 -19.82 -16.02 -22.10
CA VAL B 163 -19.22 -15.70 -20.80
C VAL B 163 -18.31 -14.48 -20.98
N VAL B 164 -18.49 -13.46 -20.13
CA VAL B 164 -17.63 -12.27 -20.18
C VAL B 164 -16.52 -12.40 -19.14
N PHE B 165 -15.28 -12.22 -19.57
CA PHE B 165 -14.13 -12.20 -18.67
C PHE B 165 -13.74 -10.77 -18.37
N HIS B 166 -13.70 -10.43 -17.07
CA HIS B 166 -13.27 -9.11 -16.62
C HIS B 166 -11.85 -9.23 -16.07
N LEU B 167 -10.87 -8.68 -16.80
CA LEU B 167 -9.47 -8.79 -16.48
C LEU B 167 -8.92 -7.46 -15.95
N ALA B 168 -7.84 -7.55 -15.18
CA ALA B 168 -7.09 -6.36 -14.74
C ALA B 168 -5.68 -6.47 -15.31
N ILE B 169 -5.44 -5.82 -16.42
CA ILE B 169 -4.15 -5.92 -17.10
C ILE B 169 -3.13 -5.03 -16.39
N THR B 170 -1.94 -5.57 -16.25
CA THR B 170 -0.79 -4.86 -15.66
C THR B 170 -0.27 -3.84 -16.68
N PRO B 171 0.27 -2.70 -16.25
CA PRO B 171 0.75 -1.65 -17.16
C PRO B 171 1.93 -1.97 -18.08
N ASP B 172 2.60 -3.10 -17.89
CA ASP B 172 3.70 -3.55 -18.78
C ASP B 172 3.12 -4.37 -19.93
N ARG B 173 1.81 -4.62 -19.96
CA ARG B 173 1.22 -5.45 -21.04
C ARG B 173 0.08 -4.71 -21.76
N GLY B 174 0.35 -3.52 -22.28
CA GLY B 174 -0.65 -2.75 -23.01
C GLY B 174 -1.22 -3.55 -24.17
N TYR B 175 -0.36 -4.32 -24.83
CA TYR B 175 -0.79 -5.13 -25.96
C TYR B 175 -1.92 -6.10 -25.62
N CYS B 176 -2.11 -6.42 -24.34
CA CYS B 176 -3.18 -7.32 -23.91
C CYS B 176 -4.50 -6.60 -23.70
N MET B 177 -4.59 -5.31 -23.99
CA MET B 177 -5.86 -4.63 -23.82
C MET B 177 -6.73 -4.69 -25.07
N SER B 178 -6.81 -5.88 -25.68
CA SER B 178 -7.51 -6.07 -26.94
C SER B 178 -7.69 -7.56 -27.17
N VAL B 179 -8.62 -7.91 -28.06
CA VAL B 179 -8.78 -9.31 -28.42
C VAL B 179 -7.55 -9.82 -29.12
N ARG B 180 -6.89 -8.96 -29.91
CA ARG B 180 -5.67 -9.36 -30.58
C ARG B 180 -4.63 -9.89 -29.58
N GLY B 181 -4.42 -9.14 -28.48
CA GLY B 181 -3.34 -9.48 -27.58
C GLY B 181 -3.65 -10.71 -26.74
N LEU B 182 -4.87 -10.76 -26.19
CA LEU B 182 -5.26 -11.88 -25.33
C LEU B 182 -5.31 -13.18 -26.12
N ALA B 183 -5.84 -13.13 -27.34
CA ALA B 183 -5.88 -14.31 -28.18
C ALA B 183 -4.46 -14.78 -28.49
N ARG B 184 -3.54 -13.85 -28.73
CA ARG B 184 -2.16 -14.26 -28.97
C ARG B 184 -1.58 -14.92 -27.74
N GLU B 185 -1.88 -14.40 -26.55
CA GLU B 185 -1.41 -15.00 -25.31
C GLU B 185 -1.97 -16.41 -25.14
N LEU B 186 -3.27 -16.57 -25.35
CA LEU B 186 -3.87 -17.90 -25.34
C LEU B 186 -3.19 -18.84 -26.34
N ALA B 187 -2.89 -18.34 -27.55
CA ALA B 187 -2.19 -19.16 -28.52
C ALA B 187 -0.84 -19.61 -27.98
N CYS B 188 -0.14 -18.72 -27.27
CA CYS B 188 1.14 -19.08 -26.65
C CYS B 188 0.94 -20.12 -25.56
N ALA B 189 0.01 -19.88 -24.63
CA ALA B 189 -0.20 -20.80 -23.52
C ALA B 189 -0.57 -22.20 -24.01
N TYR B 190 -1.40 -22.30 -25.05
CA TYR B 190 -1.92 -23.57 -25.53
C TYR B 190 -1.15 -24.13 -26.72
N ASP B 191 -0.04 -23.50 -27.12
CA ASP B 191 0.81 -23.98 -28.20
C ASP B 191 0.05 -24.11 -29.52
N LEU B 192 -0.69 -23.06 -29.87
CA LEU B 192 -1.49 -23.03 -31.09
C LEU B 192 -0.81 -22.19 -32.16
N ASP B 193 -1.17 -22.48 -33.41
CA ASP B 193 -0.84 -21.55 -34.48
C ASP B 193 -1.73 -20.34 -34.35
N PHE B 194 -1.18 -19.16 -34.58
CA PHE B 194 -1.91 -17.91 -34.39
C PHE B 194 -1.95 -17.12 -35.68
N VAL B 195 -3.14 -16.67 -36.05
CA VAL B 195 -3.31 -15.77 -37.19
C VAL B 195 -3.64 -14.38 -36.63
N ASP B 196 -2.73 -13.45 -36.81
CA ASP B 196 -2.87 -12.10 -36.29
C ASP B 196 -4.03 -11.36 -36.96
N PRO B 197 -5.06 -10.94 -36.22
CA PRO B 197 -6.18 -10.24 -36.86
C PRO B 197 -5.83 -8.88 -37.41
N ALA B 198 -4.61 -8.39 -37.20
CA ALA B 198 -4.16 -7.13 -37.78
C ALA B 198 -3.31 -7.34 -39.02
N SER B 199 -3.08 -8.59 -39.41
CA SER B 199 -2.20 -8.91 -40.52
C SER B 199 -2.91 -8.62 -41.85
N ASN B 200 -2.13 -8.67 -42.94
CA ASN B 200 -2.64 -8.23 -44.23
C ASN B 200 -3.55 -9.26 -44.90
N SER B 201 -3.38 -10.55 -44.61
CA SER B 201 -4.33 -11.53 -45.12
C SER B 201 -5.73 -11.30 -44.54
N ARG B 202 -5.81 -10.75 -43.31
CA ARG B 202 -7.08 -10.52 -42.62
C ARG B 202 -7.60 -9.10 -42.78
N VAL B 203 -6.72 -8.14 -43.06
CA VAL B 203 -7.09 -6.75 -43.33
C VAL B 203 -6.40 -6.35 -44.62
N PRO B 204 -6.92 -6.73 -45.79
CA PRO B 204 -6.26 -6.38 -47.06
C PRO B 204 -6.17 -4.87 -47.21
N PRO B 205 -5.01 -4.35 -47.60
CA PRO B 205 -4.84 -2.90 -47.62
C PRO B 205 -5.71 -2.24 -48.68
N LEU B 206 -6.17 -1.04 -48.35
CA LEU B 206 -6.93 -0.18 -49.25
C LEU B 206 -5.97 0.59 -50.16
N PRO B 207 -6.48 1.17 -51.26
CA PRO B 207 -5.60 1.94 -52.14
C PRO B 207 -4.99 3.15 -51.45
N ILE B 208 -3.83 3.55 -51.93
CA ILE B 208 -3.11 4.72 -51.43
C ILE B 208 -2.84 5.62 -52.62
N GLU B 209 -3.64 6.68 -52.77
CA GLU B 209 -3.58 7.58 -53.94
C GLU B 209 -3.85 9.03 -53.50
N GLY B 210 -2.83 9.66 -52.91
CA GLY B 210 -2.91 11.06 -52.58
C GLY B 210 -3.23 11.30 -51.12
N PRO B 211 -2.84 12.46 -50.59
CA PRO B 211 -3.10 12.75 -49.18
C PRO B 211 -4.59 12.82 -48.87
N ALA B 212 -4.96 12.37 -47.67
CA ALA B 212 -6.34 12.44 -47.26
C ALA B 212 -6.70 13.80 -46.67
N TRP B 213 -5.75 14.51 -46.07
CA TRP B 213 -6.00 15.85 -45.54
C TRP B 213 -4.66 16.53 -45.24
N PRO B 214 -4.58 17.84 -45.38
CA PRO B 214 -3.34 18.55 -45.03
C PRO B 214 -3.07 18.49 -43.53
N LEU B 215 -1.83 18.14 -43.20
CA LEU B 215 -1.43 17.83 -41.83
C LEU B 215 -0.05 18.39 -41.56
N THR B 216 0.10 19.16 -40.47
CA THR B 216 1.40 19.52 -39.93
C THR B 216 1.57 18.91 -38.54
N VAL B 217 2.77 18.37 -38.27
CA VAL B 217 3.09 17.79 -36.96
C VAL B 217 4.37 18.44 -36.44
N GLN B 218 4.28 19.10 -35.27
CA GLN B 218 5.47 19.47 -34.47
C GLN B 218 6.01 18.21 -33.80
N PRO B 219 7.14 17.65 -34.25
CA PRO B 219 7.54 16.31 -33.79
C PRO B 219 7.95 16.22 -32.32
N GLU B 220 8.32 17.33 -31.69
CA GLU B 220 8.65 17.27 -30.26
C GLU B 220 7.43 17.01 -29.38
N THR B 221 6.24 16.85 -29.95
CA THR B 221 5.11 16.36 -29.19
C THR B 221 5.22 14.87 -28.90
N GLY B 222 6.17 14.18 -29.52
CA GLY B 222 6.32 12.76 -29.31
C GLY B 222 5.38 11.88 -30.10
N VAL B 223 4.55 12.46 -30.99
CA VAL B 223 3.73 11.65 -31.89
C VAL B 223 4.64 10.75 -32.71
N ARG B 224 4.29 9.48 -32.82
CA ARG B 224 5.08 8.53 -33.59
C ARG B 224 4.48 8.22 -34.95
N ARG B 225 3.16 8.35 -35.10
CA ARG B 225 2.48 8.03 -36.35
C ARG B 225 1.14 8.73 -36.31
N PHE B 226 0.67 9.17 -37.48
CA PHE B 226 -0.58 9.91 -37.57
C PHE B 226 -1.15 9.66 -38.96
N ALA B 227 -2.20 8.85 -39.06
CA ALA B 227 -2.78 8.48 -40.34
C ALA B 227 -4.25 8.90 -40.39
N LEU B 228 -4.71 9.26 -41.59
CA LEU B 228 -6.06 9.70 -41.83
C LEU B 228 -6.58 9.05 -43.11
N ARG B 229 -7.88 8.74 -43.13
CA ARG B 229 -8.54 8.20 -44.32
C ARG B 229 -10.02 8.57 -44.26
N PRO B 230 -10.61 9.03 -45.37
CA PRO B 230 -12.01 9.44 -45.33
C PRO B 230 -12.98 8.38 -45.81
N VAL B 231 -14.20 8.46 -45.29
CA VAL B 231 -15.35 7.70 -45.79
C VAL B 231 -16.43 8.72 -46.07
N ILE B 232 -16.94 8.74 -47.30
CA ILE B 232 -17.86 9.78 -47.74
C ILE B 232 -19.23 9.18 -48.00
N GLY B 233 -20.25 10.00 -47.77
CA GLY B 233 -21.61 9.62 -48.09
C GLY B 233 -22.22 8.56 -47.21
N ILE B 234 -21.76 8.43 -45.96
CA ILE B 234 -22.43 7.49 -45.07
C ILE B 234 -23.85 7.98 -44.79
N ASP B 235 -24.74 7.04 -44.55
CA ASP B 235 -26.11 7.34 -44.17
C ASP B 235 -26.15 7.66 -42.67
N PRO B 236 -26.46 8.89 -42.27
CA PRO B 236 -26.46 9.22 -40.84
C PRO B 236 -27.54 8.50 -40.04
N ALA B 237 -28.52 7.90 -40.69
CA ALA B 237 -29.60 7.20 -40.01
C ALA B 237 -29.31 5.73 -39.77
N ALA B 238 -28.31 5.16 -40.44
CA ALA B 238 -27.98 3.76 -40.24
C ALA B 238 -27.49 3.53 -38.82
N VAL B 239 -27.80 2.35 -38.29
CA VAL B 239 -27.36 1.94 -36.96
C VAL B 239 -26.52 0.69 -37.10
N SER B 240 -25.71 0.41 -36.07
CA SER B 240 -24.83 -0.73 -36.14
C SER B 240 -25.64 -2.03 -36.07
N PRO B 241 -25.23 -3.07 -36.80
CA PRO B 241 -25.89 -4.37 -36.67
C PRO B 241 -25.77 -4.91 -35.26
N TRP B 242 -26.68 -5.84 -34.92
CA TRP B 242 -26.76 -6.35 -33.55
C TRP B 242 -25.46 -7.03 -33.11
N TRP B 243 -24.83 -7.81 -34.00
CA TRP B 243 -23.60 -8.49 -33.59
C TRP B 243 -22.56 -7.49 -33.10
N LEU B 244 -22.49 -6.31 -33.72
CA LEU B 244 -21.53 -5.30 -33.32
C LEU B 244 -21.98 -4.59 -32.05
N GLN B 245 -23.24 -4.15 -31.99
CA GLN B 245 -23.72 -3.49 -30.79
C GLN B 245 -23.57 -4.42 -29.58
N ARG B 246 -23.73 -5.72 -29.80
CA ARG B 246 -23.68 -6.69 -28.71
C ARG B 246 -22.28 -6.81 -28.15
N ARG B 247 -21.28 -7.03 -29.02
CA ARG B 247 -19.89 -7.12 -28.56
C ARG B 247 -19.47 -5.85 -27.84
N LEU B 248 -19.87 -4.68 -28.35
CA LEU B 248 -19.56 -3.43 -27.64
C LEU B 248 -20.18 -3.44 -26.24
N LEU B 249 -21.44 -3.86 -26.16
CA LEU B 249 -22.14 -3.91 -24.88
C LEU B 249 -21.43 -4.83 -23.90
N LEU B 250 -20.99 -6.00 -24.37
CA LEU B 250 -20.35 -6.97 -23.48
C LEU B 250 -18.99 -6.48 -23.02
N CYS B 251 -18.33 -5.62 -23.81
CA CYS B 251 -17.08 -5.02 -23.40
C CYS B 251 -17.28 -3.74 -22.60
N GLY B 252 -18.52 -3.36 -22.32
CA GLY B 252 -18.77 -2.19 -21.50
C GLY B 252 -18.91 -0.87 -22.23
N ILE B 253 -19.17 -0.88 -23.55
CA ILE B 253 -19.30 0.32 -24.38
C ILE B 253 -20.72 0.35 -24.93
N ARG B 254 -21.45 1.45 -24.67
CA ARG B 254 -22.76 1.63 -25.32
C ARG B 254 -22.59 2.14 -26.76
N ALA B 255 -23.22 1.42 -27.68
CA ALA B 255 -23.28 1.82 -29.08
C ALA B 255 -24.07 3.12 -29.22
N THR B 256 -23.63 3.99 -30.14
CA THR B 256 -24.33 5.26 -30.36
C THR B 256 -24.65 5.45 -31.84
N CYS B 257 -23.61 5.43 -32.67
CA CYS B 257 -23.82 5.49 -34.11
C CYS B 257 -22.66 4.76 -34.79
N PRO B 258 -22.83 4.33 -36.03
CA PRO B 258 -21.79 3.50 -36.67
C PRO B 258 -20.40 4.13 -36.69
N ALA B 259 -20.30 5.43 -36.94
CA ALA B 259 -18.98 6.05 -37.05
C ALA B 259 -18.21 5.93 -35.75
N VAL B 260 -18.87 6.18 -34.62
CA VAL B 260 -18.25 5.98 -33.32
C VAL B 260 -18.16 4.49 -32.96
N ASP B 261 -19.24 3.73 -33.19
CA ASP B 261 -19.25 2.31 -32.83
C ASP B 261 -18.09 1.58 -33.48
N VAL B 262 -17.80 1.91 -34.74
CA VAL B 262 -16.75 1.19 -35.45
C VAL B 262 -15.39 1.51 -34.87
N THR B 263 -15.17 2.74 -34.42
CA THR B 263 -13.86 3.06 -33.84
C THR B 263 -13.70 2.35 -32.50
N ASN B 264 -14.74 2.34 -31.66
CA ASN B 264 -14.68 1.58 -30.42
C ASN B 264 -14.48 0.09 -30.69
N TYR B 265 -15.19 -0.45 -31.69
CA TYR B 265 -15.07 -1.87 -31.98
C TYR B 265 -13.65 -2.23 -32.39
N VAL B 266 -13.05 -1.45 -33.28
CA VAL B 266 -11.72 -1.78 -33.76
C VAL B 266 -10.68 -1.54 -32.67
N MET B 267 -10.87 -0.54 -31.81
CA MET B 267 -10.02 -0.42 -30.62
C MET B 267 -10.01 -1.71 -29.81
N LEU B 268 -11.19 -2.29 -29.56
CA LEU B 268 -11.20 -3.49 -28.72
C LEU B 268 -10.60 -4.66 -29.47
N GLU B 269 -10.80 -4.72 -30.78
CA GLU B 269 -10.31 -5.87 -31.53
C GLU B 269 -8.80 -5.88 -31.64
N LEU B 270 -8.20 -4.73 -31.93
CA LEU B 270 -6.77 -4.67 -32.25
C LEU B 270 -5.95 -3.87 -31.25
N GLY B 271 -6.59 -3.11 -30.35
CA GLY B 271 -5.85 -2.35 -29.36
C GLY B 271 -5.35 -1.01 -29.83
N HIS B 272 -5.69 -0.60 -31.05
CA HIS B 272 -5.31 0.72 -31.55
C HIS B 272 -6.53 1.63 -31.45
N PRO B 273 -6.55 2.59 -30.53
CA PRO B 273 -7.67 3.54 -30.49
C PRO B 273 -7.84 4.27 -31.81
N MET B 274 -9.07 4.63 -32.09
CA MET B 274 -9.48 5.20 -33.37
C MET B 274 -10.43 6.33 -33.08
N HIS B 275 -10.43 7.35 -33.94
CA HIS B 275 -11.39 8.43 -33.75
C HIS B 275 -11.96 8.90 -35.08
N ALA B 276 -13.25 9.25 -35.07
CA ALA B 276 -13.97 9.67 -36.26
C ALA B 276 -14.28 11.16 -36.15
N HIS B 277 -13.82 11.93 -37.14
CA HIS B 277 -14.14 13.33 -37.22
C HIS B 277 -15.18 13.55 -38.32
N ASP B 278 -16.07 14.51 -38.09
CA ASP B 278 -16.92 14.99 -39.17
C ASP B 278 -16.07 15.87 -40.09
N ARG B 279 -15.73 15.35 -41.28
CA ARG B 279 -14.78 16.07 -42.14
C ARG B 279 -15.32 17.43 -42.56
N ASN B 280 -16.63 17.57 -42.73
CA ASN B 280 -17.17 18.88 -43.13
C ASN B 280 -17.10 19.90 -42.00
N ARG B 281 -16.79 19.49 -40.77
CA ARG B 281 -16.62 20.45 -39.68
C ARG B 281 -15.16 20.83 -39.43
N ILE B 282 -14.23 20.26 -40.19
CA ILE B 282 -12.83 20.64 -40.11
C ILE B 282 -12.57 21.85 -41.01
N SER B 283 -11.90 22.86 -40.47
CA SER B 283 -11.56 24.10 -41.19
C SER B 283 -10.06 24.16 -41.43
N GLY B 284 -9.63 23.81 -42.64
CA GLY B 284 -8.25 23.99 -43.01
C GLY B 284 -7.34 22.87 -42.53
N THR B 285 -6.05 23.19 -42.46
CA THR B 285 -5.03 22.21 -42.15
C THR B 285 -5.17 21.69 -40.72
N LEU B 286 -4.95 20.38 -40.54
CA LEU B 286 -4.92 19.79 -39.21
C LEU B 286 -3.50 19.95 -38.68
N GLY B 287 -3.38 20.58 -37.51
CA GLY B 287 -2.08 20.70 -36.85
C GLY B 287 -1.96 19.98 -35.51
N VAL B 288 -0.88 19.24 -35.31
CA VAL B 288 -0.56 18.64 -34.02
C VAL B 288 0.48 19.51 -33.33
N ARG B 289 0.15 20.04 -32.15
CA ARG B 289 1.02 20.97 -31.44
C ARG B 289 0.69 20.94 -29.95
N PHE B 290 1.65 21.43 -29.15
CA PHE B 290 1.42 21.65 -27.72
C PHE B 290 0.43 22.79 -27.50
N ALA B 291 -0.34 22.67 -26.42
CA ALA B 291 -1.13 23.81 -25.98
C ALA B 291 -0.23 24.96 -25.48
N ARG B 292 -0.79 26.16 -25.51
CA ARG B 292 -0.19 27.35 -24.93
C ARG B 292 -0.78 27.59 -23.55
N SER B 293 -0.01 28.26 -22.72
CA SER B 293 -0.46 28.67 -21.40
C SER B 293 -1.82 29.35 -21.46
N GLY B 294 -2.73 28.90 -20.60
CA GLY B 294 -4.06 29.48 -20.55
C GLY B 294 -5.02 28.97 -21.61
N GLU B 295 -4.55 28.19 -22.59
CA GLU B 295 -5.43 27.70 -23.62
C GLU B 295 -6.49 26.76 -23.05
N THR B 296 -7.65 26.76 -23.69
CA THR B 296 -8.85 25.99 -23.38
C THR B 296 -9.30 25.15 -24.56
N ALA B 297 -9.91 23.99 -24.25
CA ALA B 297 -10.57 23.18 -25.28
C ALA B 297 -11.83 22.56 -24.70
N VAL B 298 -12.88 22.48 -25.51
CA VAL B 298 -14.13 21.83 -25.11
C VAL B 298 -14.14 20.42 -25.70
N THR B 299 -14.01 19.41 -24.84
CA THR B 299 -14.11 18.04 -25.29
C THR B 299 -15.54 17.72 -25.72
N LEU B 300 -15.70 16.58 -26.40
CA LEU B 300 -16.99 16.21 -27.01
C LEU B 300 -18.06 15.84 -25.99
N ASP B 301 -17.73 15.76 -24.70
CA ASP B 301 -18.72 15.75 -23.63
C ASP B 301 -19.20 17.16 -23.26
N GLY B 302 -18.78 18.17 -24.00
CA GLY B 302 -19.21 19.53 -23.71
C GLY B 302 -18.57 20.18 -22.51
N ILE B 303 -17.59 19.57 -21.88
CA ILE B 303 -16.93 20.14 -20.72
C ILE B 303 -15.70 20.94 -21.17
N GLU B 304 -15.56 22.14 -20.63
CA GLU B 304 -14.41 22.99 -20.91
C GLU B 304 -13.20 22.59 -20.07
N ARG B 305 -12.07 22.35 -20.73
CA ARG B 305 -10.86 21.85 -20.08
C ARG B 305 -9.76 22.90 -20.11
N LYS B 306 -9.16 23.15 -18.95
CA LYS B 306 -8.02 24.05 -18.82
C LYS B 306 -6.75 23.29 -19.17
N LEU B 307 -6.10 23.67 -20.26
CA LEU B 307 -4.98 22.90 -20.75
C LEU B 307 -3.66 23.37 -20.14
N ASP B 308 -2.66 22.53 -20.33
CA ASP B 308 -1.31 22.67 -19.80
C ASP B 308 -0.37 22.70 -21.00
N THR B 309 0.78 23.37 -20.86
CA THR B 309 1.67 23.47 -22.01
C THR B 309 2.31 22.14 -22.39
N ALA B 310 2.14 21.09 -21.59
CA ALA B 310 2.59 19.76 -21.94
C ALA B 310 1.48 18.91 -22.59
N ASP B 311 0.28 19.47 -22.75
CA ASP B 311 -0.82 18.78 -23.44
C ASP B 311 -0.68 18.90 -24.95
N VAL B 312 -0.72 17.77 -25.64
CA VAL B 312 -0.63 17.74 -27.10
C VAL B 312 -2.05 17.84 -27.68
N LEU B 313 -2.25 18.75 -28.64
CA LEU B 313 -3.52 18.99 -29.28
C LEU B 313 -3.50 18.63 -30.76
N ILE B 314 -4.69 18.32 -31.29
CA ILE B 314 -4.97 18.45 -32.71
C ILE B 314 -5.85 19.68 -32.87
N VAL B 315 -5.44 20.59 -33.75
CA VAL B 315 -6.20 21.81 -34.01
C VAL B 315 -6.41 21.93 -35.51
N ASP B 316 -7.45 22.68 -35.89
CA ASP B 316 -7.51 23.21 -37.24
C ASP B 316 -7.40 24.75 -37.17
N ASP B 317 -7.80 25.42 -38.27
CA ASP B 317 -7.74 26.88 -38.35
C ASP B 317 -8.61 27.55 -37.30
N ALA B 318 -9.67 26.88 -36.87
CA ALA B 318 -10.75 27.50 -36.13
C ALA B 318 -10.82 27.09 -34.67
N ALA B 319 -10.40 25.88 -34.34
CA ALA B 319 -10.69 25.35 -33.02
C ALA B 319 -9.81 24.12 -32.78
N THR B 320 -9.96 23.56 -31.59
CA THR B 320 -9.31 22.32 -31.24
C THR B 320 -10.13 21.16 -31.77
N ALA B 321 -9.46 20.21 -32.41
CA ALA B 321 -10.12 18.98 -32.82
C ALA B 321 -9.98 17.84 -31.83
N ALA B 322 -8.92 17.81 -31.01
CA ALA B 322 -8.77 16.76 -30.02
C ALA B 322 -7.73 17.15 -28.97
N ILE B 323 -7.89 16.60 -27.77
CA ILE B 323 -6.78 16.46 -26.83
C ILE B 323 -6.14 15.12 -27.17
N GLY B 324 -5.00 15.19 -27.85
CA GLY B 324 -4.43 14.02 -28.50
C GLY B 324 -4.22 12.81 -27.62
N GLY B 325 -4.86 11.69 -27.96
CA GLY B 325 -4.70 10.49 -27.18
C GLY B 325 -5.58 10.40 -25.96
N VAL B 326 -6.34 11.46 -25.64
CA VAL B 326 -7.20 11.50 -24.46
C VAL B 326 -8.67 11.53 -24.86
N MET B 327 -9.11 12.60 -25.53
CA MET B 327 -10.51 12.73 -25.91
C MET B 327 -10.69 13.72 -27.08
N GLY B 328 -11.55 13.34 -28.04
CA GLY B 328 -11.89 14.25 -29.12
C GLY B 328 -12.61 15.49 -28.62
N ALA B 329 -12.57 16.51 -29.46
CA ALA B 329 -13.19 17.79 -29.18
C ALA B 329 -14.60 17.87 -29.76
N ALA B 330 -15.42 18.73 -29.16
CA ALA B 330 -16.78 18.95 -29.63
C ALA B 330 -16.82 19.48 -31.06
N SER B 331 -15.82 20.26 -31.46
CA SER B 331 -15.93 21.04 -32.69
C SER B 331 -15.89 20.17 -33.95
N THR B 332 -15.20 19.02 -33.93
CA THR B 332 -15.19 18.13 -35.08
C THR B 332 -15.93 16.83 -34.85
N GLU B 333 -16.65 16.75 -33.72
CA GLU B 333 -17.36 15.53 -33.35
C GLU B 333 -18.40 15.10 -34.39
N VAL B 334 -18.51 13.79 -34.60
CA VAL B 334 -19.56 13.24 -35.44
C VAL B 334 -20.92 13.48 -34.78
N ARG B 335 -21.86 14.00 -35.55
CA ARG B 335 -23.19 14.38 -35.08
C ARG B 335 -24.25 13.57 -35.84
N ALA B 336 -25.51 13.85 -35.51
CA ALA B 336 -26.63 13.14 -36.13
C ALA B 336 -26.66 13.34 -37.65
N ASP B 337 -26.18 14.49 -38.15
CA ASP B 337 -26.26 14.80 -39.57
C ASP B 337 -24.96 14.54 -40.32
N SER B 338 -23.98 13.89 -39.71
CA SER B 338 -22.65 13.76 -40.33
C SER B 338 -22.67 12.76 -41.48
N THR B 339 -22.20 13.18 -42.64
CA THR B 339 -22.21 12.31 -43.80
C THR B 339 -20.84 12.01 -44.36
N ASP B 340 -19.82 12.79 -44.03
CA ASP B 340 -18.48 12.54 -44.54
C ASP B 340 -17.52 12.57 -43.36
N VAL B 341 -16.75 11.49 -43.23
CA VAL B 341 -16.01 11.18 -42.02
C VAL B 341 -14.53 11.12 -42.37
N LEU B 342 -13.70 11.72 -41.52
CA LEU B 342 -12.25 11.55 -41.58
C LEU B 342 -11.84 10.70 -40.38
N LEU B 343 -11.24 9.56 -40.65
CA LEU B 343 -10.86 8.62 -39.59
C LEU B 343 -9.41 8.87 -39.18
N GLU B 344 -9.17 8.90 -37.86
CA GLU B 344 -7.88 9.24 -37.26
C GLU B 344 -7.26 8.01 -36.60
N ALA B 345 -6.09 7.59 -37.08
CA ALA B 345 -5.33 6.50 -36.47
C ALA B 345 -3.96 7.06 -36.09
N ALA B 346 -3.83 7.49 -34.83
CA ALA B 346 -2.61 8.16 -34.36
C ALA B 346 -1.97 7.39 -33.20
N ILE B 347 -0.66 7.60 -33.04
CA ILE B 347 0.14 6.98 -31.99
C ILE B 347 0.77 8.10 -31.19
N TRP B 348 0.33 8.26 -29.94
CA TRP B 348 0.80 9.35 -29.10
C TRP B 348 1.89 8.90 -28.15
N ASP B 349 2.56 9.89 -27.56
CA ASP B 349 3.58 9.62 -26.56
C ASP B 349 2.94 9.10 -25.27
N PRO B 350 3.35 7.92 -24.79
CA PRO B 350 2.67 7.35 -23.59
C PRO B 350 2.75 8.25 -22.38
N ALA B 351 3.93 8.76 -22.05
CA ALA B 351 4.08 9.59 -20.87
C ALA B 351 3.28 10.86 -21.01
N ALA B 352 3.27 11.44 -22.21
CA ALA B 352 2.48 12.65 -22.45
C ALA B 352 1.00 12.37 -22.23
N VAL B 353 0.52 11.24 -22.73
CA VAL B 353 -0.90 10.92 -22.50
C VAL B 353 -1.14 10.67 -21.02
N SER B 354 -0.20 9.97 -20.36
CA SER B 354 -0.34 9.65 -18.94
C SER B 354 -0.46 10.90 -18.09
N ARG B 355 0.45 11.86 -18.27
CA ARG B 355 0.37 13.12 -17.51
C ARG B 355 -0.93 13.84 -17.80
N THR B 356 -1.28 13.96 -19.09
CA THR B 356 -2.43 14.80 -19.45
C THR B 356 -3.73 14.24 -18.92
N GLN B 357 -3.96 12.94 -19.09
CA GLN B 357 -5.25 12.43 -18.68
C GLN B 357 -5.41 12.47 -17.15
N ARG B 358 -4.33 12.23 -16.41
CA ARG B 358 -4.43 12.31 -14.95
C ARG B 358 -4.68 13.74 -14.49
N ARG B 359 -4.06 14.71 -15.16
N ARG B 359 -4.05 14.70 -15.16
CA ARG B 359 -4.34 16.10 -14.80
CA ARG B 359 -4.31 16.11 -14.85
C ARG B 359 -5.80 16.45 -15.05
C ARG B 359 -5.78 16.44 -15.06
N LEU B 360 -6.35 16.00 -16.16
CA LEU B 360 -7.73 16.33 -16.52
C LEU B 360 -8.75 15.36 -15.93
N HIS B 361 -8.30 14.29 -15.28
CA HIS B 361 -9.17 13.21 -14.79
C HIS B 361 -10.03 12.67 -15.92
N LEU B 362 -9.37 12.24 -17.00
CA LEU B 362 -10.01 11.70 -18.20
C LEU B 362 -9.38 10.35 -18.55
N PRO B 363 -9.57 9.32 -17.70
CA PRO B 363 -8.98 8.00 -18.00
C PRO B 363 -9.79 7.24 -19.05
N SER B 364 -9.83 7.78 -20.26
CA SER B 364 -10.62 7.20 -21.33
C SER B 364 -10.01 5.87 -21.79
N GLU B 365 -10.84 5.11 -22.50
CA GLU B 365 -10.41 3.86 -23.12
C GLU B 365 -9.22 4.07 -24.05
N ALA B 366 -9.20 5.18 -24.77
CA ALA B 366 -8.02 5.50 -25.59
C ALA B 366 -6.83 5.84 -24.72
N ALA B 367 -7.01 6.73 -23.74
CA ALA B 367 -5.87 7.18 -22.94
C ALA B 367 -5.22 5.99 -22.23
N ARG B 368 -6.03 5.09 -21.71
CA ARG B 368 -5.46 4.01 -20.93
C ARG B 368 -4.63 3.07 -21.81
N ARG B 369 -4.97 2.97 -23.10
CA ARG B 369 -4.16 2.18 -24.01
C ARG B 369 -2.90 2.93 -24.46
N TYR B 370 -3.03 4.22 -24.78
CA TYR B 370 -1.86 4.99 -25.22
C TYR B 370 -0.80 5.10 -24.11
N GLU B 371 -1.22 5.35 -22.87
CA GLU B 371 -0.38 5.28 -21.67
C GLU B 371 0.55 4.08 -21.65
N ARG B 372 0.05 2.94 -22.13
CA ARG B 372 0.79 1.69 -22.01
C ARG B 372 1.48 1.32 -23.32
N THR B 373 1.53 2.25 -24.27
CA THR B 373 2.15 2.12 -25.59
C THR B 373 1.33 1.25 -26.52
N VAL B 374 0.81 1.86 -27.61
CA VAL B 374 0.06 1.19 -28.66
C VAL B 374 1.04 0.82 -29.77
N ASP B 375 0.85 -0.37 -30.36
CA ASP B 375 1.70 -0.89 -31.43
C ASP B 375 1.67 0.04 -32.64
N PRO B 376 2.79 0.69 -32.99
CA PRO B 376 2.75 1.68 -34.07
C PRO B 376 2.73 1.08 -35.47
N ALA B 377 2.95 -0.22 -35.60
CA ALA B 377 2.99 -0.87 -36.89
C ALA B 377 1.61 -1.13 -37.49
N ILE B 378 0.53 -1.01 -36.72
CA ILE B 378 -0.79 -1.42 -37.20
C ILE B 378 -1.71 -0.24 -37.43
N SER B 379 -1.20 1.00 -37.39
CA SER B 379 -2.09 2.13 -37.52
C SER B 379 -2.88 2.09 -38.83
N VAL B 380 -2.22 1.78 -39.95
CA VAL B 380 -2.96 1.84 -41.21
C VAL B 380 -3.84 0.60 -41.35
N ALA B 381 -3.39 -0.55 -40.85
CA ALA B 381 -4.27 -1.72 -40.81
C ALA B 381 -5.54 -1.43 -40.02
N ALA B 382 -5.40 -0.80 -38.86
CA ALA B 382 -6.58 -0.48 -38.07
C ALA B 382 -7.42 0.58 -38.76
N LEU B 383 -6.76 1.54 -39.41
CA LEU B 383 -7.48 2.56 -40.17
C LEU B 383 -8.27 1.92 -41.31
N ASP B 384 -7.62 1.05 -42.07
CA ASP B 384 -8.29 0.40 -43.20
C ASP B 384 -9.40 -0.51 -42.72
N ARG B 385 -9.12 -1.34 -41.70
CA ARG B 385 -10.16 -2.16 -41.10
C ARG B 385 -11.37 -1.34 -40.71
N CYS B 386 -11.12 -0.16 -40.15
CA CYS B 386 -12.19 0.65 -39.62
C CYS B 386 -12.96 1.37 -40.75
N ALA B 387 -12.28 1.76 -41.84
CA ALA B 387 -12.98 2.42 -42.95
C ALA B 387 -13.88 1.42 -43.70
N ARG B 388 -13.36 0.24 -44.01
CA ARG B 388 -14.20 -0.80 -44.62
C ARG B 388 -15.44 -1.08 -43.79
N LEU B 389 -15.25 -1.27 -42.49
CA LEU B 389 -16.38 -1.63 -41.65
C LEU B 389 -17.43 -0.52 -41.66
N LEU B 390 -16.99 0.73 -41.59
CA LEU B 390 -17.93 1.85 -41.59
C LEU B 390 -18.67 1.98 -42.92
N ALA B 391 -17.94 1.86 -44.03
CA ALA B 391 -18.58 1.95 -45.34
C ALA B 391 -19.62 0.84 -45.52
N ASP B 392 -19.29 -0.37 -45.09
CA ASP B 392 -20.22 -1.49 -45.19
C ASP B 392 -21.47 -1.28 -44.34
N ILE B 393 -21.30 -0.80 -43.10
CA ILE B 393 -22.43 -0.69 -42.19
C ILE B 393 -23.32 0.49 -42.55
N ALA B 394 -22.72 1.64 -42.88
CA ALA B 394 -23.48 2.86 -43.04
C ALA B 394 -23.63 3.27 -44.50
N GLY B 395 -23.16 2.44 -45.43
CA GLY B 395 -23.46 2.64 -46.83
C GLY B 395 -22.79 3.85 -47.44
N GLY B 396 -21.50 4.02 -47.17
CA GLY B 396 -20.73 5.06 -47.78
C GLY B 396 -19.74 4.53 -48.80
N GLU B 397 -18.75 5.35 -49.09
CA GLU B 397 -17.67 4.94 -49.97
C GLU B 397 -16.35 5.28 -49.30
N VAL B 398 -15.42 4.33 -49.30
CA VAL B 398 -14.08 4.58 -48.77
C VAL B 398 -13.25 5.31 -49.82
N SER B 399 -12.79 6.51 -49.50
CA SER B 399 -11.94 7.23 -50.45
C SER B 399 -10.56 6.60 -50.49
N PRO B 400 -9.91 6.58 -51.65
CA PRO B 400 -8.58 5.97 -51.77
C PRO B 400 -7.44 6.88 -51.33
N THR B 401 -7.74 8.04 -50.75
CA THR B 401 -6.69 8.91 -50.25
C THR B 401 -6.25 8.49 -48.83
N LEU B 402 -4.97 8.72 -48.53
CA LEU B 402 -4.40 8.31 -47.26
C LEU B 402 -3.29 9.29 -46.88
N THR B 403 -3.39 9.87 -45.69
CA THR B 403 -2.26 10.55 -45.07
C THR B 403 -1.66 9.61 -44.03
N ASP B 404 -0.32 9.50 -44.03
CA ASP B 404 0.32 8.56 -43.09
C ASP B 404 1.67 9.14 -42.66
N TRP B 405 1.63 10.11 -41.76
CA TRP B 405 2.84 10.70 -41.21
C TRP B 405 3.52 9.69 -40.30
N ARG B 406 4.78 9.42 -40.57
CA ARG B 406 5.53 8.37 -39.88
C ARG B 406 6.81 8.93 -39.28
N GLY B 407 6.82 10.19 -38.90
CA GLY B 407 7.99 10.79 -38.30
C GLY B 407 8.79 11.64 -39.28
N ASP B 408 9.71 12.40 -38.70
CA ASP B 408 10.58 13.32 -39.43
C ASP B 408 12.03 12.96 -39.12
N PRO B 409 12.68 12.11 -39.94
CA PRO B 409 12.28 11.45 -41.20
C PRO B 409 11.34 10.26 -41.02
N PRO B 410 10.72 9.79 -42.09
CA PRO B 410 9.76 8.69 -41.97
C PRO B 410 10.42 7.44 -41.39
N CYS B 411 9.65 6.70 -40.61
CA CYS B 411 10.12 5.47 -39.98
C CYS B 411 9.40 4.31 -40.66
N ASP B 412 10.18 3.33 -41.14
CA ASP B 412 9.63 2.19 -41.87
C ASP B 412 9.86 0.86 -41.15
N ASP B 413 10.46 0.88 -39.97
CA ASP B 413 10.75 -0.31 -39.20
C ASP B 413 10.52 0.00 -37.73
N TRP B 414 9.61 -0.74 -37.10
CA TRP B 414 9.09 -0.38 -35.79
C TRP B 414 9.55 -1.30 -34.67
N SER B 415 10.40 -2.29 -34.94
CA SER B 415 10.64 -3.16 -33.79
C SER B 415 11.77 -2.62 -32.91
N PRO B 416 11.76 -2.99 -31.63
CA PRO B 416 12.78 -2.49 -30.70
C PRO B 416 14.17 -2.96 -31.09
N PRO B 417 15.21 -2.45 -30.43
CA PRO B 417 16.58 -2.92 -30.72
C PRO B 417 16.73 -4.39 -30.39
N PRO B 418 17.70 -5.07 -30.98
CA PRO B 418 17.89 -6.49 -30.67
C PRO B 418 18.44 -6.68 -29.29
N ILE B 419 17.94 -7.72 -28.63
CA ILE B 419 18.42 -8.13 -27.32
C ILE B 419 19.15 -9.45 -27.48
N ARG B 420 20.21 -9.53 -26.72
CA ARG B 420 21.26 -10.53 -26.77
C ARG B 420 21.42 -11.22 -25.42
N MET B 421 21.32 -12.55 -25.41
CA MET B 421 21.15 -13.28 -24.14
C MET B 421 21.61 -14.73 -24.30
N GLY B 422 22.32 -15.22 -23.27
CA GLY B 422 22.71 -16.61 -23.27
C GLY B 422 21.52 -17.54 -23.26
N VAL B 423 21.63 -18.64 -24.02
CA VAL B 423 20.50 -19.51 -24.23
C VAL B 423 20.01 -20.15 -22.94
N ASP B 424 20.86 -20.28 -21.93
CA ASP B 424 20.46 -20.94 -20.69
C ASP B 424 20.19 -19.97 -19.54
N VAL B 425 20.17 -18.64 -19.82
CA VAL B 425 19.88 -17.69 -18.76
C VAL B 425 18.53 -17.92 -18.12
N PRO B 426 17.44 -18.17 -18.86
CA PRO B 426 16.18 -18.47 -18.16
C PRO B 426 16.29 -19.67 -17.24
N ASP B 427 17.04 -20.71 -17.64
CA ASP B 427 17.19 -21.90 -16.80
C ASP B 427 17.85 -21.55 -15.48
N ARG B 428 18.88 -20.70 -15.52
CA ARG B 428 19.59 -20.30 -14.31
C ARG B 428 18.70 -19.47 -13.40
N ILE B 429 17.98 -18.51 -13.95
CA ILE B 429 17.12 -17.65 -13.13
C ILE B 429 15.98 -18.46 -12.52
N ALA B 430 15.45 -19.44 -13.25
CA ALA B 430 14.37 -20.24 -12.74
C ALA B 430 14.84 -21.33 -11.78
N GLY B 431 16.09 -21.76 -11.89
CA GLY B 431 16.49 -22.95 -11.16
C GLY B 431 15.84 -24.20 -11.70
N VAL B 432 15.52 -24.20 -12.99
CA VAL B 432 14.83 -25.29 -13.68
C VAL B 432 15.59 -25.56 -14.96
N ALA B 433 15.88 -26.82 -15.25
CA ALA B 433 16.52 -27.19 -16.51
C ALA B 433 15.42 -27.49 -17.52
N TYR B 434 15.05 -26.48 -18.32
CA TYR B 434 14.00 -26.66 -19.31
C TYR B 434 14.51 -27.55 -20.44
N PRO B 435 13.61 -28.31 -21.11
CA PRO B 435 14.00 -29.04 -22.33
C PRO B 435 14.75 -28.16 -23.34
N GLN B 436 15.53 -28.74 -24.24
CA GLN B 436 16.23 -27.93 -25.24
C GLN B 436 15.24 -27.23 -26.16
N GLY B 437 15.61 -26.08 -26.71
CA GLY B 437 14.75 -25.34 -27.59
C GLY B 437 13.67 -24.57 -26.89
N THR B 438 13.60 -24.60 -25.56
CA THR B 438 12.46 -24.03 -24.86
C THR B 438 12.45 -22.50 -24.94
N THR B 439 13.56 -21.84 -24.62
CA THR B 439 13.46 -20.39 -24.54
C THR B 439 13.32 -19.79 -25.92
N ALA B 440 14.06 -20.34 -26.89
CA ALA B 440 13.94 -19.90 -28.27
C ALA B 440 12.55 -20.16 -28.84
N ARG B 441 11.92 -21.26 -28.43
CA ARG B 441 10.58 -21.55 -28.92
C ARG B 441 9.56 -20.58 -28.32
N ARG B 442 9.67 -20.29 -27.02
CA ARG B 442 8.73 -19.38 -26.37
C ARG B 442 8.94 -17.96 -26.86
N LEU B 443 10.19 -17.58 -27.13
CA LEU B 443 10.42 -16.21 -27.57
C LEU B 443 9.95 -16.00 -29.00
N ALA B 444 9.93 -17.06 -29.82
CA ALA B 444 9.30 -16.95 -31.13
C ALA B 444 7.80 -16.86 -31.00
N GLN B 445 7.22 -17.66 -30.10
CA GLN B 445 5.77 -17.66 -29.90
C GLN B 445 5.24 -16.27 -29.58
N ILE B 446 5.96 -15.51 -28.77
CA ILE B 446 5.48 -14.17 -28.43
C ILE B 446 5.74 -13.19 -29.56
N GLY B 447 6.43 -13.61 -30.61
CA GLY B 447 6.57 -12.82 -31.82
C GLY B 447 7.93 -12.25 -32.09
N ALA B 448 8.96 -12.68 -31.35
CA ALA B 448 10.29 -12.14 -31.57
C ALA B 448 11.01 -12.90 -32.67
N VAL B 449 11.94 -12.20 -33.31
CA VAL B 449 12.88 -12.84 -34.22
C VAL B 449 14.07 -13.32 -33.40
N VAL B 450 14.38 -14.62 -33.50
CA VAL B 450 15.41 -15.26 -32.67
C VAL B 450 16.45 -15.90 -33.57
N THR B 451 17.71 -15.55 -33.39
CA THR B 451 18.82 -16.19 -34.10
C THR B 451 19.83 -16.74 -33.11
N HIS B 452 20.42 -17.87 -33.48
N HIS B 452 20.44 -17.87 -33.47
CA HIS B 452 21.39 -18.57 -32.63
CA HIS B 452 21.37 -18.59 -32.61
C HIS B 452 22.80 -18.33 -33.15
C HIS B 452 22.79 -18.42 -33.13
N ASP B 453 23.73 -18.14 -32.22
CA ASP B 453 25.14 -17.96 -32.57
C ASP B 453 25.94 -18.59 -31.42
N GLY B 454 26.16 -19.89 -31.52
CA GLY B 454 26.82 -20.61 -30.45
C GLY B 454 25.89 -20.78 -29.27
N ASP B 455 26.21 -20.14 -28.15
CA ASP B 455 25.38 -20.21 -26.96
C ASP B 455 24.65 -18.90 -26.68
N THR B 456 24.83 -17.88 -27.53
CA THR B 456 24.19 -16.60 -27.36
C THR B 456 23.04 -16.44 -28.34
N LEU B 457 21.86 -16.11 -27.82
CA LEU B 457 20.70 -15.79 -28.63
C LEU B 457 20.67 -14.29 -28.92
N THR B 458 20.29 -13.94 -30.14
CA THR B 458 19.93 -12.56 -30.46
C THR B 458 18.42 -12.52 -30.70
N VAL B 459 17.73 -11.67 -29.95
CA VAL B 459 16.27 -11.66 -29.90
C VAL B 459 15.81 -10.26 -30.27
N THR B 460 14.98 -10.16 -31.30
CA THR B 460 14.40 -8.88 -31.67
C THR B 460 12.91 -8.92 -31.38
N PRO B 461 12.43 -8.23 -30.35
CA PRO B 461 11.02 -8.34 -29.97
C PRO B 461 10.13 -7.67 -30.99
N PRO B 462 8.85 -8.03 -31.05
CA PRO B 462 7.95 -7.39 -31.98
C PRO B 462 7.55 -5.99 -31.51
N SER B 463 7.01 -5.23 -32.47
CA SER B 463 6.69 -3.82 -32.23
C SER B 463 5.60 -3.62 -31.19
N TRP B 464 4.77 -4.63 -30.92
CA TRP B 464 3.76 -4.47 -29.89
C TRP B 464 4.27 -4.84 -28.50
N ARG B 465 5.56 -5.11 -28.36
CA ARG B 465 6.16 -5.46 -27.06
C ARG B 465 7.26 -4.49 -26.68
N PRO B 466 6.95 -3.20 -26.55
CA PRO B 466 8.00 -2.25 -26.15
C PRO B 466 8.56 -2.52 -24.76
N ASP B 467 7.94 -3.42 -23.98
CA ASP B 467 8.43 -3.77 -22.65
C ASP B 467 9.60 -4.74 -22.68
N LEU B 468 9.92 -5.32 -23.84
CA LEU B 468 10.99 -6.31 -23.92
C LEU B 468 12.27 -5.58 -24.29
N ARG B 469 13.04 -5.18 -23.28
CA ARG B 469 14.23 -4.37 -23.52
C ARG B 469 15.53 -5.01 -23.06
N GLN B 470 15.50 -5.94 -22.11
CA GLN B 470 16.70 -6.47 -21.47
C GLN B 470 16.51 -7.97 -21.31
N PRO B 471 17.60 -8.70 -21.06
CA PRO B 471 17.45 -10.15 -20.85
C PRO B 471 16.45 -10.53 -19.76
N ALA B 472 16.41 -9.80 -18.65
CA ALA B 472 15.43 -10.11 -17.61
C ALA B 472 14.01 -10.09 -18.14
N ASP B 473 13.72 -9.19 -19.09
CA ASP B 473 12.38 -9.14 -19.68
C ASP B 473 12.09 -10.43 -20.43
N LEU B 474 13.10 -10.99 -21.10
CA LEU B 474 12.89 -12.23 -21.84
C LEU B 474 12.75 -13.42 -20.91
N VAL B 475 13.55 -13.44 -19.83
CA VAL B 475 13.41 -14.48 -18.80
C VAL B 475 11.97 -14.57 -18.33
N GLU B 476 11.35 -13.41 -18.05
CA GLU B 476 9.98 -13.43 -17.56
C GLU B 476 9.04 -14.09 -18.57
N GLU B 477 9.24 -13.82 -19.86
CA GLU B 477 8.38 -14.45 -20.87
C GLU B 477 8.51 -15.97 -20.85
N VAL B 478 9.75 -16.47 -20.84
CA VAL B 478 9.95 -17.91 -20.82
C VAL B 478 9.36 -18.51 -19.55
N LEU B 479 9.59 -17.85 -18.40
CA LEU B 479 9.19 -18.47 -17.14
C LEU B 479 7.68 -18.50 -16.98
N ARG B 480 6.99 -17.46 -17.44
CA ARG B 480 5.55 -17.41 -17.22
C ARG B 480 4.79 -18.33 -18.17
N LEU B 481 5.32 -18.56 -19.38
CA LEU B 481 4.65 -19.50 -20.27
C LEU B 481 4.95 -20.95 -19.89
N GLU B 482 6.14 -21.22 -19.35
CA GLU B 482 6.37 -22.56 -18.80
C GLU B 482 5.53 -22.80 -17.55
N GLY B 483 5.24 -21.74 -16.78
CA GLY B 483 4.47 -21.89 -15.55
C GLY B 483 5.35 -21.80 -14.33
N LEU B 484 5.06 -20.87 -13.41
CA LEU B 484 5.93 -20.71 -12.25
C LEU B 484 5.89 -21.92 -11.34
N GLU B 485 4.80 -22.70 -11.39
CA GLU B 485 4.62 -23.88 -10.54
C GLU B 485 5.67 -24.96 -10.75
N VAL B 486 6.42 -24.93 -11.86
CA VAL B 486 7.48 -25.92 -12.02
C VAL B 486 8.78 -25.53 -11.32
N ILE B 487 8.89 -24.30 -10.84
CA ILE B 487 10.07 -23.84 -10.12
C ILE B 487 10.07 -24.52 -8.75
N PRO B 488 11.14 -25.24 -8.39
CA PRO B 488 11.14 -25.96 -7.11
C PRO B 488 11.44 -24.99 -5.97
N SER B 489 11.27 -25.49 -4.74
CA SER B 489 11.49 -24.70 -3.54
C SER B 489 12.80 -25.16 -2.89
N VAL B 490 13.84 -24.34 -2.97
CA VAL B 490 15.20 -24.72 -2.58
C VAL B 490 15.78 -23.66 -1.65
N LEU B 491 15.89 -23.98 -0.35
CA LEU B 491 16.45 -23.03 0.61
C LEU B 491 17.88 -22.67 0.26
N PRO B 492 18.21 -21.39 0.14
CA PRO B 492 19.58 -21.00 -0.11
C PRO B 492 20.42 -21.15 1.15
N PRO B 493 21.72 -21.12 1.01
CA PRO B 493 22.57 -20.95 2.20
C PRO B 493 22.80 -19.48 2.47
N ALA B 494 22.19 -18.99 3.52
CA ALA B 494 22.50 -17.60 3.87
C ALA B 494 23.78 -17.55 4.71
N PRO B 495 24.45 -16.41 4.74
CA PRO B 495 25.76 -16.37 5.38
C PRO B 495 25.63 -16.38 6.90
N ALA B 496 26.78 -16.47 7.54
CA ALA B 496 26.83 -16.38 8.98
C ALA B 496 26.59 -14.93 9.38
N GLY B 497 25.33 -14.58 9.64
CA GLY B 497 24.99 -13.24 10.02
C GLY B 497 25.37 -12.91 11.46
N ARG B 498 25.29 -11.63 11.77
CA ARG B 498 25.69 -11.12 13.07
C ARG B 498 24.50 -10.88 14.01
N GLY B 499 23.29 -11.18 13.56
CA GLY B 499 22.14 -11.05 14.43
C GLY B 499 21.69 -9.61 14.60
N LEU B 500 21.04 -9.35 15.73
CA LEU B 500 20.49 -8.04 16.00
C LEU B 500 21.57 -7.07 16.46
N THR B 501 21.48 -5.82 15.99
CA THR B 501 22.36 -4.80 16.52
C THR B 501 22.05 -4.50 17.99
N ALA B 502 22.98 -3.78 18.63
CA ALA B 502 22.79 -3.37 20.02
C ALA B 502 21.58 -2.46 20.15
N GLY B 503 21.41 -1.51 19.24
CA GLY B 503 20.23 -0.66 19.24
C GLY B 503 18.94 -1.46 19.11
N GLN B 504 18.91 -2.43 18.21
CA GLN B 504 17.71 -3.23 18.04
C GLN B 504 17.39 -4.02 19.31
N GLN B 505 18.40 -4.60 19.95
CA GLN B 505 18.17 -5.34 21.19
C GLN B 505 17.67 -4.40 22.29
N ARG B 506 18.23 -3.19 22.35
N ARG B 506 18.23 -3.18 22.34
CA ARG B 506 17.82 -2.25 23.39
CA ARG B 506 17.84 -2.23 23.38
C ARG B 506 16.35 -1.90 23.26
C ARG B 506 16.37 -1.85 23.25
N ARG B 507 15.88 -1.66 22.03
N ARG B 507 15.90 -1.62 22.02
CA ARG B 507 14.50 -1.26 21.84
CA ARG B 507 14.49 -1.27 21.84
C ARG B 507 13.53 -2.40 22.15
C ARG B 507 13.58 -2.41 22.26
N ARG B 508 13.95 -3.66 21.95
CA ARG B 508 13.18 -4.80 22.43
C ARG B 508 13.15 -4.83 23.97
N THR B 509 14.31 -4.65 24.60
CA THR B 509 14.37 -4.74 26.06
C THR B 509 13.55 -3.63 26.72
N ILE B 510 13.59 -2.42 26.16
CA ILE B 510 12.78 -1.33 26.72
C ILE B 510 11.29 -1.66 26.64
N GLY B 511 10.84 -2.19 25.49
CA GLY B 511 9.43 -2.55 25.35
C GLY B 511 9.00 -3.65 26.32
N ARG B 512 9.79 -4.73 26.43
CA ARG B 512 9.51 -5.76 27.42
C ARG B 512 9.43 -5.20 28.83
N SER B 513 10.33 -4.29 29.18
CA SER B 513 10.40 -3.82 30.56
C SER B 513 9.23 -2.91 30.88
N LEU B 514 8.85 -2.03 29.95
CA LEU B 514 7.68 -1.19 30.16
C LEU B 514 6.40 -2.02 30.16
N ALA B 515 6.30 -3.05 29.32
CA ALA B 515 5.08 -3.86 29.31
C ALA B 515 4.93 -4.65 30.61
N LEU B 516 6.03 -5.23 31.12
CA LEU B 516 5.94 -5.94 32.40
C LEU B 516 5.53 -5.02 33.53
N SER B 517 5.90 -3.74 33.46
CA SER B 517 5.55 -2.78 34.49
C SER B 517 4.19 -2.15 34.27
N GLY B 518 3.38 -2.69 33.38
CA GLY B 518 1.99 -2.27 33.26
C GLY B 518 1.66 -1.31 32.14
N TYR B 519 2.63 -0.94 31.29
CA TYR B 519 2.35 -0.04 30.18
C TYR B 519 1.90 -0.83 28.95
N VAL B 520 1.00 -0.24 28.18
CA VAL B 520 0.48 -0.83 26.95
C VAL B 520 0.98 -0.02 25.77
N GLU B 521 1.65 -0.68 24.84
CA GLU B 521 2.22 0.01 23.69
C GLU B 521 1.14 0.40 22.69
N ILE B 522 1.28 1.60 22.11
CA ILE B 522 0.47 2.03 20.98
C ILE B 522 1.38 2.30 19.78
N LEU B 523 0.77 2.25 18.60
CA LEU B 523 1.40 2.71 17.36
C LEU B 523 1.04 4.17 17.15
N PRO B 524 1.96 5.11 17.29
CA PRO B 524 1.57 6.54 17.31
C PRO B 524 1.45 7.12 15.91
N THR B 525 0.33 7.80 15.64
CA THR B 525 0.23 8.50 14.37
C THR B 525 1.25 9.64 14.32
N PRO B 526 1.94 9.81 13.19
CA PRO B 526 2.84 10.97 13.04
C PRO B 526 2.14 12.26 12.65
N PHE B 527 0.83 12.25 12.40
CA PHE B 527 0.12 13.48 12.05
C PHE B 527 -0.38 14.14 13.32
N LEU B 528 0.19 15.30 13.64
CA LEU B 528 -0.13 16.02 14.86
C LEU B 528 -1.59 16.43 14.89
N PRO B 529 -2.20 16.49 16.08
CA PRO B 529 -3.53 17.08 16.20
C PRO B 529 -3.51 18.57 15.87
N ALA B 530 -4.65 19.06 15.37
CA ALA B 530 -4.79 20.48 15.06
C ALA B 530 -4.59 21.34 16.30
N GLY B 531 -3.70 22.33 16.19
CA GLY B 531 -3.48 23.28 17.25
C GLY B 531 -2.92 22.75 18.54
N VAL B 532 -2.22 21.59 18.53
CA VAL B 532 -1.85 20.96 19.80
C VAL B 532 -0.90 21.85 20.58
N PHE B 533 0.04 22.51 19.91
CA PHE B 533 1.02 23.33 20.62
C PHE B 533 0.43 24.65 21.14
N ASP B 534 -0.71 25.10 20.60
CA ASP B 534 -1.42 26.19 21.23
C ASP B 534 -2.14 25.70 22.49
N LEU B 535 -2.73 24.51 22.44
CA LEU B 535 -3.26 23.88 23.65
C LEU B 535 -2.19 23.78 24.71
N TRP B 536 -0.97 23.39 24.31
CA TRP B 536 0.14 23.28 25.25
C TRP B 536 0.67 24.63 25.70
N GLY B 537 0.30 25.71 25.01
CA GLY B 537 0.81 27.02 25.34
C GLY B 537 2.29 27.22 25.07
N LEU B 538 2.84 26.58 24.05
CA LEU B 538 4.26 26.74 23.77
C LEU B 538 4.54 28.11 23.16
N GLU B 539 5.74 28.60 23.41
CA GLU B 539 6.19 29.85 22.83
C GLU B 539 6.25 29.72 21.32
N ALA B 540 6.10 30.87 20.63
CA ALA B 540 6.14 30.87 19.17
C ALA B 540 7.45 30.32 18.63
N ASP B 541 8.56 30.47 19.36
CA ASP B 541 9.88 30.03 18.91
C ASP B 541 10.29 28.68 19.50
N ASP B 542 9.35 27.91 20.06
CA ASP B 542 9.67 26.58 20.56
C ASP B 542 10.04 25.65 19.39
N SER B 543 11.17 24.96 19.51
CA SER B 543 11.65 24.13 18.41
C SER B 543 10.62 23.08 18.00
N ARG B 544 9.75 22.66 18.92
CA ARG B 544 8.76 21.64 18.56
C ARG B 544 7.75 22.16 17.55
N ARG B 545 7.58 23.48 17.45
CA ARG B 545 6.68 24.00 16.41
C ARG B 545 7.30 23.97 15.02
N MET B 546 8.57 23.78 14.96
CA MET B 546 9.17 23.75 13.62
C MET B 546 8.93 22.36 13.04
N THR B 547 7.83 22.16 12.32
CA THR B 547 7.38 20.86 11.86
C THR B 547 7.54 20.76 10.35
N THR B 548 7.92 19.56 9.91
CA THR B 548 7.75 19.17 8.52
C THR B 548 6.25 19.02 8.21
N ARG B 549 5.83 19.50 7.04
CA ARG B 549 4.42 19.51 6.68
C ARG B 549 4.17 18.64 5.46
N VAL B 550 3.09 17.92 5.49
CA VAL B 550 2.68 17.09 4.37
C VAL B 550 1.78 17.90 3.46
N LEU B 551 2.00 17.77 2.15
CA LEU B 551 1.27 18.55 1.17
C LEU B 551 -0.16 18.07 1.00
N ASN B 552 -0.41 16.76 1.12
CA ASN B 552 -1.73 16.19 0.83
C ASN B 552 -2.18 15.27 1.97
N PRO B 553 -2.39 15.81 3.16
CA PRO B 553 -2.84 14.97 4.28
C PRO B 553 -4.28 14.52 4.08
N LEU B 554 -4.63 13.42 4.75
CA LEU B 554 -6.02 12.97 4.68
C LEU B 554 -6.95 13.88 5.46
N GLU B 555 -6.46 14.55 6.49
CA GLU B 555 -7.23 15.56 7.21
C GLU B 555 -6.56 16.91 7.02
N ALA B 556 -7.27 17.83 6.37
CA ALA B 556 -6.67 19.10 5.99
C ALA B 556 -6.05 19.83 7.17
N ASP B 557 -6.67 19.75 8.34
CA ASP B 557 -6.18 20.49 9.49
C ASP B 557 -5.12 19.73 10.29
N ARG B 558 -4.68 18.57 9.81
CA ARG B 558 -3.60 17.82 10.48
C ARG B 558 -2.48 17.50 9.48
N PRO B 559 -1.78 18.53 8.96
CA PRO B 559 -0.72 18.28 7.98
C PRO B 559 0.69 18.20 8.56
N GLN B 560 0.85 18.52 9.85
CA GLN B 560 2.16 18.64 10.47
C GLN B 560 2.62 17.30 11.04
N LEU B 561 3.88 16.94 10.76
CA LEU B 561 4.45 15.70 11.27
C LEU B 561 5.01 15.94 12.67
N ALA B 562 4.93 14.89 13.50
CA ALA B 562 5.17 15.04 14.93
C ALA B 562 6.65 15.22 15.23
N THR B 563 6.97 16.30 15.94
CA THR B 563 8.29 16.54 16.54
C THR B 563 8.42 15.89 17.91
N THR B 564 7.31 15.41 18.46
CA THR B 564 7.21 14.84 19.80
C THR B 564 6.16 13.74 19.75
N LEU B 565 6.40 12.66 20.50
CA LEU B 565 5.45 11.55 20.53
C LEU B 565 4.29 11.78 21.50
N LEU B 566 4.39 12.75 22.41
CA LEU B 566 3.33 12.91 23.41
C LEU B 566 1.96 13.18 22.80
N PRO B 567 1.80 14.02 21.77
CA PRO B 567 0.43 14.23 21.25
C PRO B 567 -0.26 12.95 20.82
N ALA B 568 0.45 12.06 20.11
CA ALA B 568 -0.18 10.80 19.73
C ALA B 568 -0.56 9.98 20.97
N LEU B 569 0.31 9.98 21.98
CA LEU B 569 0.03 9.19 23.19
C LEU B 569 -1.16 9.76 23.95
N LEU B 570 -1.24 11.09 24.06
CA LEU B 570 -2.37 11.69 24.74
C LEU B 570 -3.66 11.46 23.99
N GLU B 571 -3.60 11.36 22.66
CA GLU B 571 -4.80 11.10 21.90
C GLU B 571 -5.30 9.68 22.12
N ALA B 572 -4.39 8.70 22.23
CA ALA B 572 -4.80 7.35 22.60
C ALA B 572 -5.32 7.32 24.03
N LEU B 573 -4.73 8.14 24.92
CA LEU B 573 -5.17 8.18 26.31
C LEU B 573 -6.60 8.70 26.42
N VAL B 574 -6.89 9.81 25.75
CA VAL B 574 -8.26 10.35 25.73
C VAL B 574 -9.23 9.31 25.20
N ARG B 575 -8.87 8.60 24.12
CA ARG B 575 -9.75 7.58 23.58
C ARG B 575 -10.04 6.50 24.61
N ASN B 576 -9.01 5.97 25.29
CA ASN B 576 -9.25 4.95 26.31
C ASN B 576 -10.18 5.50 27.39
N VAL B 577 -9.90 6.71 27.86
CA VAL B 577 -10.65 7.30 28.96
C VAL B 577 -12.10 7.54 28.55
N SER B 578 -12.34 7.98 27.31
CA SER B 578 -13.72 8.24 26.89
C SER B 578 -14.53 6.96 26.74
N ARG B 579 -13.87 5.82 26.61
CA ARG B 579 -14.54 4.53 26.55
C ARG B 579 -14.64 3.87 27.92
N GLY B 580 -14.33 4.60 28.99
CA GLY B 580 -14.50 4.08 30.32
C GLY B 580 -13.33 3.34 30.90
N LEU B 581 -12.18 3.34 30.22
CA LEU B 581 -10.95 2.72 30.73
C LEU B 581 -10.08 3.86 31.25
N VAL B 582 -10.28 4.23 32.52
CA VAL B 582 -9.72 5.47 33.05
C VAL B 582 -8.37 5.28 33.76
N ASP B 583 -7.93 4.04 33.96
CA ASP B 583 -6.67 3.73 34.65
C ASP B 583 -5.76 3.09 33.61
N VAL B 584 -4.93 3.92 32.99
CA VAL B 584 -4.25 3.58 31.74
C VAL B 584 -2.80 4.05 31.82
N ALA B 585 -1.90 3.24 31.25
CA ALA B 585 -0.50 3.64 31.08
C ALA B 585 -0.07 3.19 29.70
N LEU B 586 0.30 4.15 28.84
CA LEU B 586 0.63 3.87 27.45
C LEU B 586 2.07 4.27 27.16
N PHE B 587 2.69 3.57 26.22
CA PHE B 587 4.02 3.95 25.78
C PHE B 587 4.12 3.75 24.27
N ALA B 588 5.14 4.39 23.69
CA ALA B 588 5.41 4.27 22.28
C ALA B 588 6.92 4.36 22.08
N ILE B 589 7.40 3.65 21.06
CA ILE B 589 8.79 3.77 20.64
C ILE B 589 8.74 4.03 19.14
N ALA B 590 9.13 5.23 18.72
CA ALA B 590 8.97 5.60 17.32
C ALA B 590 9.85 6.79 17.00
N GLN B 591 10.16 6.94 15.73
CA GLN B 591 10.92 8.11 15.31
C GLN B 591 10.03 9.35 15.35
N VAL B 592 10.65 10.52 15.51
CA VAL B 592 9.97 11.79 15.26
C VAL B 592 10.64 12.44 14.05
N VAL B 593 10.11 13.59 13.62
CA VAL B 593 10.60 14.30 12.46
C VAL B 593 10.92 15.73 12.89
N GLN B 594 12.19 16.13 12.79
CA GLN B 594 12.64 17.40 13.34
C GLN B 594 13.47 18.11 12.29
N PRO B 595 12.85 18.91 11.45
CA PRO B 595 13.60 19.59 10.41
C PRO B 595 14.57 20.67 10.91
N THR B 596 15.63 20.87 10.17
CA THR B 596 16.59 21.87 10.52
C THR B 596 16.60 23.02 9.56
N GLU B 597 15.83 22.90 8.51
CA GLU B 597 15.74 23.92 7.53
C GLU B 597 14.45 23.78 6.78
N GLN B 598 14.23 24.68 5.84
CA GLN B 598 13.08 24.65 4.98
C GLN B 598 13.26 23.47 4.01
N THR B 599 12.15 22.89 3.57
CA THR B 599 12.18 21.75 2.69
C THR B 599 13.06 21.88 1.46
N ARG B 600 14.08 21.06 1.42
CA ARG B 600 14.99 21.11 0.33
C ARG B 600 15.15 19.77 -0.34
N GLY B 601 14.77 19.76 -1.60
CA GLY B 601 14.90 18.61 -2.43
C GLY B 601 16.23 18.61 -3.10
N VAL B 602 16.66 17.40 -3.44
CA VAL B 602 17.92 17.15 -4.14
C VAL B 602 17.52 16.64 -5.50
N GLY B 603 18.09 17.22 -6.54
CA GLY B 603 17.74 16.84 -7.90
C GLY B 603 18.12 15.42 -8.24
N LEU B 604 17.44 14.89 -9.26
CA LEU B 604 17.64 13.52 -9.71
C LEU B 604 19.11 13.21 -9.97
N ILE B 605 19.59 12.13 -9.36
CA ILE B 605 20.91 11.58 -9.65
C ILE B 605 20.74 10.48 -10.70
N PRO B 606 21.57 10.41 -11.75
CA PRO B 606 21.34 9.42 -12.82
C PRO B 606 21.39 8.01 -12.28
N VAL B 607 20.46 7.17 -12.73
CA VAL B 607 20.32 5.83 -12.16
C VAL B 607 21.07 4.78 -12.97
N ASP B 608 21.86 5.19 -13.95
CA ASP B 608 22.69 4.24 -14.67
C ASP B 608 24.01 3.98 -13.96
N ARG B 609 24.22 4.56 -12.78
CA ARG B 609 25.39 4.33 -11.96
C ARG B 609 24.97 4.41 -10.49
N ARG B 610 25.89 4.04 -9.59
CA ARG B 610 25.48 4.33 -8.22
C ARG B 610 25.81 5.77 -7.86
N PRO B 611 25.05 6.37 -6.94
CA PRO B 611 25.44 7.69 -6.45
C PRO B 611 26.77 7.60 -5.74
N THR B 612 27.51 8.70 -5.76
CA THR B 612 28.78 8.79 -5.06
C THR B 612 28.53 8.95 -3.56
N ASP B 613 29.60 8.77 -2.78
CA ASP B 613 29.52 8.99 -1.34
C ASP B 613 29.10 10.42 -1.03
N ASP B 614 29.55 11.38 -1.82
CA ASP B 614 29.16 12.77 -1.58
C ASP B 614 27.69 12.99 -1.92
N GLU B 615 27.20 12.35 -2.98
CA GLU B 615 25.78 12.47 -3.31
C GLU B 615 24.92 11.84 -2.22
N ILE B 616 25.34 10.68 -1.68
CA ILE B 616 24.61 10.03 -0.59
C ILE B 616 24.56 10.94 0.63
N ALA B 617 25.70 11.52 1.00
CA ALA B 617 25.71 12.43 2.16
C ALA B 617 24.83 13.64 1.91
N MET B 618 24.76 14.11 0.67
CA MET B 618 23.91 15.26 0.35
C MET B 618 22.43 14.89 0.44
N LEU B 619 22.07 13.69 -0.03
CA LEU B 619 20.69 13.23 0.13
C LEU B 619 20.32 13.15 1.59
N ASP B 620 21.20 12.53 2.39
CA ASP B 620 20.96 12.40 3.83
C ASP B 620 20.84 13.76 4.50
N ALA B 621 21.75 14.68 4.19
CA ALA B 621 21.74 16.00 4.81
C ALA B 621 20.47 16.79 4.49
N SER B 622 19.81 16.49 3.36
CA SER B 622 18.59 17.17 2.96
C SER B 622 17.34 16.71 3.72
N LEU B 623 17.42 15.62 4.43
CA LEU B 623 16.28 15.08 5.14
C LEU B 623 16.18 15.69 6.54
N PRO B 624 14.99 15.78 7.12
CA PRO B 624 14.90 16.18 8.53
C PRO B 624 15.59 15.16 9.43
N ARG B 625 16.10 15.61 10.57
CA ARG B 625 16.58 14.68 11.59
C ARG B 625 15.40 13.82 12.05
N GLN B 626 15.63 12.53 12.19
CA GLN B 626 14.57 11.60 12.51
C GLN B 626 15.01 10.64 13.61
N PRO B 627 15.26 11.17 14.82
CA PRO B 627 15.73 10.31 15.91
C PRO B 627 14.60 9.46 16.50
N GLN B 628 15.01 8.35 17.13
CA GLN B 628 14.11 7.47 17.86
C GLN B 628 13.82 8.01 19.25
N HIS B 629 12.55 8.04 19.63
CA HIS B 629 12.12 8.50 20.93
C HIS B 629 11.39 7.36 21.63
N VAL B 630 11.37 7.41 22.96
CA VAL B 630 10.47 6.58 23.74
C VAL B 630 9.66 7.51 24.62
N ALA B 631 8.36 7.26 24.73
CA ALA B 631 7.53 8.14 25.53
C ALA B 631 6.43 7.34 26.20
N ALA B 632 5.84 7.91 27.25
CA ALA B 632 4.78 7.24 27.96
C ALA B 632 3.89 8.27 28.64
N VAL B 633 2.61 7.91 28.80
CA VAL B 633 1.64 8.72 29.53
C VAL B 633 0.87 7.82 30.48
N LEU B 634 0.47 8.41 31.61
CA LEU B 634 -0.25 7.69 32.65
C LEU B 634 -1.34 8.56 33.22
N ALA B 635 -2.49 7.94 33.50
CA ALA B 635 -3.58 8.62 34.18
C ALA B 635 -4.37 7.63 35.03
N GLY B 636 -5.09 8.15 36.00
CA GLY B 636 -5.94 7.32 36.83
C GLY B 636 -5.20 6.62 37.96
N LEU B 637 -5.59 5.38 38.24
CA LEU B 637 -4.95 4.61 39.30
C LEU B 637 -3.71 3.94 38.73
N ARG B 638 -2.57 4.15 39.39
CA ARG B 638 -1.39 3.33 39.09
C ARG B 638 -1.51 1.95 39.70
N GLU B 639 -1.81 1.87 40.97
CA GLU B 639 -2.10 0.58 41.56
C GLU B 639 -3.62 0.42 41.64
N PRO B 640 -4.22 -0.65 41.14
CA PRO B 640 -5.67 -0.77 41.17
C PRO B 640 -6.21 -1.01 42.58
N ARG B 641 -7.50 -0.76 42.73
CA ARG B 641 -8.21 -1.11 43.95
C ARG B 641 -8.41 -2.63 44.05
N GLY B 642 -8.35 -3.15 45.27
CA GLY B 642 -8.57 -4.55 45.51
C GLY B 642 -8.64 -4.80 47.00
N PRO B 643 -8.57 -6.06 47.40
CA PRO B 643 -8.65 -6.39 48.83
C PRO B 643 -7.50 -5.82 49.64
N TRP B 644 -6.41 -5.41 48.99
CA TRP B 644 -5.28 -4.85 49.70
C TRP B 644 -5.50 -3.40 50.12
N GLY B 645 -6.48 -2.73 49.55
CA GLY B 645 -6.66 -1.34 49.83
C GLY B 645 -7.24 -0.59 48.65
N PRO B 646 -7.30 0.74 48.78
CA PRO B 646 -8.01 1.55 47.79
C PRO B 646 -7.24 1.77 46.48
N GLY B 647 -6.03 1.25 46.33
CA GLY B 647 -5.25 1.58 45.16
C GLY B 647 -4.54 2.92 45.33
N ARG B 648 -3.74 3.28 44.33
CA ARG B 648 -2.91 4.48 44.43
C ARG B 648 -2.96 5.25 43.13
N PRO B 649 -3.40 6.51 43.16
CA PRO B 649 -3.44 7.32 41.95
C PRO B 649 -2.06 7.57 41.36
N VAL B 650 -2.03 7.72 40.03
CA VAL B 650 -0.82 8.14 39.34
C VAL B 650 -0.32 9.46 39.93
N GLU B 651 1.01 9.54 40.11
CA GLU B 651 1.71 10.72 40.59
C GLU B 651 2.96 10.89 39.71
N ALA B 652 3.56 12.09 39.82
CA ALA B 652 4.78 12.39 39.06
C ALA B 652 5.87 11.34 39.30
N ALA B 653 5.97 10.83 40.53
CA ALA B 653 6.99 9.84 40.82
C ALA B 653 6.86 8.59 39.92
N ASP B 654 5.66 8.28 39.43
CA ASP B 654 5.50 7.14 38.52
C ASP B 654 6.15 7.44 37.16
N ALA B 655 6.10 8.69 36.71
CA ALA B 655 6.82 9.06 35.49
C ALA B 655 8.32 8.98 35.71
N PHE B 656 8.81 9.40 36.89
CA PHE B 656 10.23 9.27 37.18
C PHE B 656 10.63 7.79 37.19
N GLU B 657 9.77 6.94 37.73
CA GLU B 657 10.10 5.52 37.74
C GLU B 657 10.13 4.96 36.33
N ALA B 658 9.28 5.46 35.42
CA ALA B 658 9.36 5.03 34.03
C ALA B 658 10.72 5.38 33.43
N VAL B 659 11.26 6.56 33.78
CA VAL B 659 12.62 6.91 33.35
C VAL B 659 13.60 5.87 33.85
N ARG B 660 13.48 5.49 35.12
CA ARG B 660 14.40 4.51 35.69
C ARG B 660 14.24 3.13 35.04
N ILE B 661 13.01 2.73 34.70
CA ILE B 661 12.78 1.47 34.00
C ILE B 661 13.50 1.47 32.65
N ILE B 662 13.36 2.57 31.90
CA ILE B 662 14.02 2.70 30.61
C ILE B 662 15.54 2.75 30.78
N ALA B 663 16.02 3.41 31.83
CA ALA B 663 17.47 3.49 32.01
C ALA B 663 18.06 2.13 32.38
N ARG B 664 17.40 1.38 33.28
CA ARG B 664 17.85 0.02 33.57
C ARG B 664 17.81 -0.84 32.31
N ALA B 665 16.73 -0.75 31.53
CA ALA B 665 16.67 -1.49 30.27
C ALA B 665 17.81 -1.09 29.34
N SER B 666 18.27 0.17 29.41
CA SER B 666 19.37 0.62 28.57
C SER B 666 20.75 0.40 29.19
N ARG B 667 20.80 -0.04 30.44
CA ARG B 667 22.05 -0.19 31.19
C ARG B 667 22.86 1.11 31.28
N VAL B 668 22.17 2.21 31.59
CA VAL B 668 22.83 3.49 31.85
C VAL B 668 22.30 4.06 33.17
N ASP B 669 23.10 4.94 33.76
CA ASP B 669 22.70 5.69 34.93
C ASP B 669 22.15 7.04 34.49
N VAL B 670 21.02 7.44 35.07
CA VAL B 670 20.46 8.76 34.81
C VAL B 670 20.48 9.56 36.10
N THR B 671 20.44 10.88 35.95
CA THR B 671 20.12 11.76 37.06
C THR B 671 18.95 12.63 36.64
N LEU B 672 18.16 13.08 37.62
CA LEU B 672 17.01 13.91 37.33
C LEU B 672 17.21 15.27 37.98
N ARG B 673 16.83 16.32 37.26
CA ARG B 673 17.08 17.66 37.74
C ARG B 673 15.82 18.47 37.54
N PRO B 674 15.46 19.31 38.51
CA PRO B 674 14.29 20.17 38.35
C PRO B 674 14.36 20.97 37.06
N ALA B 675 13.21 21.13 36.41
CA ALA B 675 13.16 21.88 35.18
C ALA B 675 11.80 22.53 35.05
N GLN B 676 11.75 23.56 34.23
CA GLN B 676 10.51 24.16 33.80
C GLN B 676 10.46 23.97 32.30
N TYR B 677 9.47 23.22 31.81
CA TYR B 677 9.44 22.85 30.41
C TYR B 677 8.02 22.42 30.08
N LEU B 678 7.29 23.23 29.32
CA LEU B 678 5.97 22.82 28.91
C LEU B 678 6.09 21.59 28.01
N PRO B 679 5.11 20.66 28.06
CA PRO B 679 3.83 20.80 28.77
C PRO B 679 3.80 20.28 30.21
N TRP B 680 4.95 20.20 30.88
CA TRP B 680 4.97 19.69 32.24
C TRP B 680 4.63 20.79 33.25
N HIS B 681 4.17 20.35 34.42
CA HIS B 681 4.02 21.20 35.59
C HIS B 681 5.39 21.73 36.03
N PRO B 682 5.55 23.06 36.20
CA PRO B 682 6.90 23.59 36.54
C PRO B 682 7.44 23.11 37.86
N GLY B 683 6.59 22.70 38.80
CA GLY B 683 7.09 22.25 40.08
C GLY B 683 7.28 20.74 40.14
N ARG B 684 6.87 20.02 39.10
CA ARG B 684 6.84 18.56 39.13
C ARG B 684 7.39 18.01 37.81
N CYS B 685 8.50 18.57 37.37
CA CYS B 685 9.09 18.30 36.07
C CYS B 685 10.57 18.06 36.27
N ALA B 686 11.05 16.91 35.82
CA ALA B 686 12.47 16.59 35.84
C ALA B 686 12.99 16.58 34.42
N GLN B 687 14.15 17.18 34.21
CA GLN B 687 14.93 16.96 33.01
C GLN B 687 15.86 15.79 33.29
N VAL B 688 16.01 14.88 32.32
CA VAL B 688 16.76 13.64 32.51
C VAL B 688 18.12 13.76 31.84
N PHE B 689 19.18 13.33 32.54
CA PHE B 689 20.53 13.42 32.03
C PHE B 689 21.22 12.07 32.11
N VAL B 690 22.01 11.75 31.09
CA VAL B 690 22.98 10.66 31.14
C VAL B 690 24.34 11.32 31.04
N GLY B 691 25.13 11.23 32.12
CA GLY B 691 26.30 12.09 32.17
C GLY B 691 25.86 13.54 32.19
N GLU B 692 26.45 14.36 31.34
CA GLU B 692 26.01 15.74 31.24
C GLU B 692 25.13 16.01 30.02
N SER B 693 24.67 14.96 29.33
CA SER B 693 23.79 15.12 28.18
C SER B 693 22.33 15.02 28.60
N SER B 694 21.53 15.97 28.16
CA SER B 694 20.10 15.92 28.35
C SER B 694 19.47 14.91 27.40
N VAL B 695 18.63 14.01 27.91
CA VAL B 695 17.97 13.03 27.07
C VAL B 695 16.45 13.15 27.10
N GLY B 696 15.89 14.02 27.93
CA GLY B 696 14.47 14.29 27.86
C GLY B 696 13.91 14.76 29.19
N HIS B 697 12.59 14.60 29.33
CA HIS B 697 11.85 15.14 30.48
C HIS B 697 10.82 14.13 30.97
N ALA B 698 10.38 14.33 32.21
CA ALA B 698 9.39 13.48 32.83
C ALA B 698 8.68 14.26 33.93
N GLY B 699 7.48 13.80 34.27
CA GLY B 699 6.78 14.31 35.44
C GLY B 699 5.30 14.47 35.22
N GLN B 700 4.68 15.36 36.00
CA GLN B 700 3.26 15.60 35.87
C GLN B 700 3.01 16.70 34.84
N LEU B 701 1.95 16.54 34.04
CA LEU B 701 1.59 17.54 33.05
C LEU B 701 1.04 18.79 33.72
N HIS B 702 1.13 19.91 33.00
CA HIS B 702 0.68 21.19 33.52
C HIS B 702 -0.84 21.20 33.66
N PRO B 703 -1.38 21.59 34.82
CA PRO B 703 -2.85 21.58 35.00
C PRO B 703 -3.58 22.43 33.99
N ALA B 704 -2.98 23.53 33.50
CA ALA B 704 -3.62 24.33 32.47
C ALA B 704 -3.61 23.61 31.12
N VAL B 705 -2.52 22.89 30.81
CA VAL B 705 -2.52 22.07 29.61
C VAL B 705 -3.55 20.96 29.72
N ILE B 706 -3.59 20.29 30.88
CA ILE B 706 -4.58 19.25 31.09
C ILE B 706 -5.98 19.80 30.85
N GLU B 707 -6.25 21.01 31.31
CA GLU B 707 -7.62 21.48 31.33
C GLU B 707 -8.04 21.91 29.91
N ARG B 708 -7.16 22.64 29.21
CA ARG B 708 -7.44 23.04 27.82
C ARG B 708 -7.54 21.85 26.87
N SER B 709 -6.82 20.75 27.15
CA SER B 709 -6.82 19.60 26.25
C SER B 709 -7.87 18.56 26.60
N GLY B 710 -8.63 18.74 27.68
CA GLY B 710 -9.56 17.69 28.07
C GLY B 710 -8.90 16.39 28.49
N LEU B 711 -7.73 16.48 29.17
CA LEU B 711 -7.03 15.31 29.69
C LEU B 711 -7.50 14.99 31.10
N PRO B 712 -7.30 13.76 31.56
CA PRO B 712 -7.60 13.45 32.97
C PRO B 712 -6.73 14.29 33.89
N LYS B 713 -7.29 14.71 35.02
CA LYS B 713 -6.48 15.41 36.01
C LYS B 713 -5.32 14.53 36.45
N GLY B 714 -4.20 15.17 36.71
CA GLY B 714 -3.02 14.48 37.18
C GLY B 714 -2.29 13.64 36.16
N THR B 715 -2.65 13.69 34.88
CA THR B 715 -1.93 12.94 33.87
C THR B 715 -0.43 13.22 33.94
N CYS B 716 0.37 12.16 33.88
CA CYS B 716 1.83 12.26 33.90
C CYS B 716 2.39 11.78 32.57
N ALA B 717 3.65 12.14 32.30
CA ALA B 717 4.22 11.91 30.97
C ALA B 717 5.74 11.84 31.05
N VAL B 718 6.31 11.08 30.14
CA VAL B 718 7.76 10.98 29.95
C VAL B 718 8.05 10.93 28.46
N GLU B 719 9.10 11.65 28.03
CA GLU B 719 9.62 11.51 26.68
C GLU B 719 11.14 11.59 26.72
N LEU B 720 11.80 10.56 26.18
CA LEU B 720 13.25 10.50 26.09
C LEU B 720 13.69 10.35 24.64
N ASN B 721 14.82 10.97 24.30
CA ASN B 721 15.44 10.80 22.99
C ASN B 721 16.38 9.59 23.07
N LEU B 722 15.96 8.48 22.46
CA LEU B 722 16.81 7.28 22.51
C LEU B 722 18.14 7.50 21.78
N ASP B 723 18.16 8.34 20.75
CA ASP B 723 19.40 8.61 20.03
C ASP B 723 20.45 9.28 20.91
N ALA B 724 20.04 9.96 21.96
CA ALA B 724 20.98 10.66 22.84
C ALA B 724 21.45 9.80 24.01
N ILE B 725 20.94 8.58 24.16
CA ILE B 725 21.37 7.69 25.25
C ILE B 725 22.48 6.81 24.70
N PRO B 726 23.72 6.98 25.14
CA PRO B 726 24.83 6.23 24.52
C PRO B 726 24.63 4.73 24.69
N CYS B 727 25.14 4.00 23.71
CA CYS B 727 25.27 2.55 23.83
C CYS B 727 26.08 2.20 25.08
N SER B 728 25.81 1.04 25.65
CA SER B 728 26.61 0.60 26.77
C SER B 728 26.62 -0.91 26.81
N ALA B 729 27.81 -1.49 27.02
CA ALA B 729 28.00 -2.92 27.19
C ALA B 729 28.92 -3.11 28.38
N PRO B 730 28.39 -3.02 29.60
CA PRO B 730 29.25 -3.16 30.77
C PRO B 730 29.72 -4.59 30.94
N LEU B 731 30.89 -4.73 31.58
CA LEU B 731 31.46 -6.04 31.93
C LEU B 731 31.70 -6.02 33.44
N PRO B 732 30.65 -6.22 34.23
CA PRO B 732 30.79 -6.08 35.68
C PRO B 732 31.66 -7.16 36.30
N ALA B 733 32.29 -6.78 37.41
CA ALA B 733 33.05 -7.69 38.26
C ALA B 733 32.82 -7.28 39.71
N PRO B 734 31.64 -7.55 40.25
CA PRO B 734 31.28 -6.99 41.56
C PRO B 734 32.11 -7.60 42.68
N ARG B 735 32.54 -6.76 43.62
CA ARG B 735 33.15 -7.26 44.84
C ARG B 735 32.05 -7.67 45.82
N VAL B 736 32.15 -8.89 46.33
CA VAL B 736 31.13 -9.45 47.20
C VAL B 736 31.79 -9.87 48.51
N SER B 737 31.94 -8.91 49.43
CA SER B 737 32.58 -9.23 50.70
C SER B 737 31.64 -10.07 51.56
N PRO B 738 32.12 -11.18 52.13
CA PRO B 738 31.28 -11.97 53.04
C PRO B 738 31.32 -11.54 54.49
N TYR B 739 32.11 -10.54 54.87
CA TYR B 739 32.24 -10.17 56.26
C TYR B 739 30.96 -9.46 56.73
N PRO B 740 30.67 -9.48 58.03
CA PRO B 740 29.43 -8.89 58.52
C PRO B 740 29.34 -7.40 58.25
N ALA B 741 28.12 -6.92 58.07
CA ALA B 741 27.86 -5.51 57.85
C ALA B 741 27.47 -4.83 59.16
N VAL B 742 27.59 -3.51 59.17
CA VAL B 742 27.16 -2.66 60.27
C VAL B 742 26.11 -1.72 59.73
N PHE B 743 24.98 -1.63 60.44
CA PHE B 743 23.82 -0.84 60.03
C PHE B 743 23.67 0.37 60.93
N GLN B 744 23.59 1.56 60.33
CA GLN B 744 23.37 2.79 61.06
C GLN B 744 22.41 3.68 60.29
N ASP B 745 21.55 4.40 61.00
CA ASP B 745 20.73 5.44 60.41
C ASP B 745 21.24 6.81 60.83
N VAL B 746 21.14 7.79 59.92
CA VAL B 746 21.56 9.14 60.21
C VAL B 746 20.48 10.10 59.71
N SER B 747 20.15 11.10 60.53
CA SER B 747 19.20 12.13 60.14
C SER B 747 19.91 13.46 59.99
N LEU B 748 19.74 14.09 58.82
CA LEU B 748 20.42 15.33 58.46
C LEU B 748 19.38 16.38 58.13
N VAL B 749 19.59 17.59 58.64
CA VAL B 749 18.69 18.71 58.38
C VAL B 749 19.32 19.61 57.32
N VAL B 750 18.55 19.94 56.29
CA VAL B 750 19.05 20.74 55.18
C VAL B 750 17.95 21.73 54.81
N ALA B 751 18.35 22.76 54.06
CA ALA B 751 17.38 23.65 53.44
C ALA B 751 16.42 22.85 52.58
N ALA B 752 15.17 23.31 52.52
CA ALA B 752 14.14 22.59 51.78
C ALA B 752 14.48 22.48 50.30
N ASP B 753 15.22 23.44 49.75
CA ASP B 753 15.56 23.47 48.33
C ASP B 753 16.64 22.49 47.94
N ILE B 754 17.32 21.88 48.89
CA ILE B 754 18.36 20.93 48.56
C ILE B 754 17.78 19.58 48.11
N PRO B 755 18.17 19.11 46.91
CA PRO B 755 17.59 17.82 46.50
C PRO B 755 18.13 16.70 47.36
N ALA B 756 17.25 15.73 47.66
CA ALA B 756 17.65 14.61 48.50
C ALA B 756 18.84 13.88 47.90
N GLN B 757 18.89 13.77 46.57
CA GLN B 757 20.01 13.04 45.95
C GLN B 757 21.34 13.74 46.20
N ALA B 758 21.33 15.08 46.22
CA ALA B 758 22.57 15.81 46.52
C ALA B 758 23.06 15.48 47.94
N VAL B 759 22.13 15.32 48.88
CA VAL B 759 22.55 14.94 50.22
C VAL B 759 23.12 13.53 50.22
N ALA B 760 22.44 12.60 49.54
CA ALA B 760 22.92 11.23 49.46
C ALA B 760 24.29 11.16 48.79
N ASP B 761 24.49 11.92 47.72
CA ASP B 761 25.79 11.97 47.06
C ASP B 761 26.88 12.43 48.01
N ALA B 762 26.60 13.52 48.76
CA ALA B 762 27.58 14.01 49.73
C ALA B 762 27.89 12.97 50.80
N VAL B 763 26.86 12.32 51.33
CA VAL B 763 27.09 11.27 52.32
C VAL B 763 27.96 10.17 51.73
N ARG B 764 27.67 9.79 50.48
CA ARG B 764 28.45 8.76 49.80
C ARG B 764 29.90 9.18 49.61
N ALA B 765 30.12 10.43 49.19
CA ALA B 765 31.49 10.89 48.93
C ALA B 765 32.34 10.87 50.20
N GLY B 766 31.74 11.23 51.34
CA GLY B 766 32.50 11.24 52.58
C GLY B 766 32.73 9.86 53.17
N ALA B 767 31.76 8.94 53.02
CA ALA B 767 31.87 7.66 53.70
C ALA B 767 32.90 6.75 53.06
N GLY B 768 33.15 6.92 51.76
CA GLY B 768 34.12 6.08 51.10
C GLY B 768 33.61 4.69 50.78
N ASP B 769 34.57 3.79 50.53
CA ASP B 769 34.24 2.45 50.05
C ASP B 769 33.63 1.55 51.11
N LEU B 770 33.78 1.87 52.40
CA LEU B 770 33.11 1.09 53.42
C LEU B 770 31.59 1.16 53.29
N LEU B 771 31.06 2.16 52.60
CA LEU B 771 29.61 2.32 52.48
C LEU B 771 29.11 1.44 51.35
N GLU B 772 28.42 0.35 51.70
CA GLU B 772 27.91 -0.59 50.71
C GLU B 772 26.55 -0.15 50.16
N ASP B 773 25.71 0.47 50.99
CA ASP B 773 24.36 0.83 50.58
C ASP B 773 23.90 2.06 51.34
N ILE B 774 23.18 2.95 50.64
CA ILE B 774 22.51 4.06 51.29
C ILE B 774 21.10 4.17 50.72
N ALA B 775 20.11 4.34 51.60
CA ALA B 775 18.71 4.47 51.22
C ALA B 775 18.04 5.54 52.06
N LEU B 776 17.27 6.39 51.40
CA LEU B 776 16.46 7.40 52.08
C LEU B 776 15.22 6.76 52.69
N PHE B 777 15.08 6.85 54.01
CA PHE B 777 13.86 6.40 54.70
C PHE B 777 12.83 7.53 54.81
N ASP B 778 13.15 8.59 55.56
CA ASP B 778 12.12 9.57 55.94
C ASP B 778 12.46 10.98 55.47
N VAL B 779 11.44 11.70 55.02
CA VAL B 779 11.48 13.14 54.84
C VAL B 779 10.50 13.75 55.84
N PHE B 780 11.02 14.55 56.77
CA PHE B 780 10.19 15.12 57.83
C PHE B 780 10.35 16.63 57.85
N THR B 781 9.24 17.35 57.94
CA THR B 781 9.24 18.78 58.18
C THR B 781 8.44 19.11 59.44
N GLY B 782 8.71 20.26 60.01
CA GLY B 782 8.05 20.68 61.22
C GLY B 782 8.64 21.97 61.78
N PRO B 783 7.89 22.64 62.66
CA PRO B 783 8.35 23.97 63.11
C PRO B 783 9.66 23.93 63.89
N GLN B 784 9.94 22.87 64.64
CA GLN B 784 11.11 22.88 65.51
C GLN B 784 12.43 22.80 64.74
N ILE B 785 12.44 22.47 63.45
CA ILE B 785 13.70 22.47 62.71
C ILE B 785 13.84 23.69 61.80
N GLY B 786 12.83 24.53 61.74
CA GLY B 786 12.89 25.70 60.89
C GLY B 786 11.90 25.53 59.75
N GLU B 787 11.22 26.63 59.41
CA GLU B 787 10.13 26.56 58.44
C GLU B 787 10.62 26.15 57.05
N HIS B 788 11.83 26.57 56.68
CA HIS B 788 12.36 26.31 55.34
C HIS B 788 13.41 25.22 55.31
N ARG B 789 13.36 24.28 56.26
CA ARG B 789 14.31 23.19 56.32
C ARG B 789 13.57 21.86 56.30
N LYS B 790 14.32 20.77 56.20
CA LYS B 790 13.72 19.46 56.22
C LYS B 790 14.74 18.48 56.77
N SER B 791 14.23 17.42 57.38
CA SER B 791 15.08 16.38 57.95
C SER B 791 15.00 15.15 57.06
N LEU B 792 16.16 14.61 56.71
CA LEU B 792 16.25 13.44 55.85
C LEU B 792 16.93 12.36 56.66
N THR B 793 16.26 11.21 56.78
CA THR B 793 16.86 10.07 57.47
C THR B 793 17.31 9.04 56.44
N PHE B 794 18.58 8.68 56.48
CA PHE B 794 19.19 7.73 55.57
C PHE B 794 19.56 6.46 56.34
N ALA B 795 19.27 5.30 55.75
CA ALA B 795 19.79 4.03 56.25
C ALA B 795 21.12 3.73 55.56
N LEU B 796 22.15 3.48 56.36
CA LEU B 796 23.49 3.24 55.85
C LEU B 796 23.90 1.82 56.22
N ARG B 797 24.51 1.12 55.26
CA ARG B 797 25.06 -0.22 55.49
C ARG B 797 26.55 -0.18 55.19
N PHE B 798 27.37 -0.44 56.20
CA PHE B 798 28.82 -0.42 56.08
C PHE B 798 29.37 -1.84 56.06
N ARG B 799 30.39 -2.07 55.24
CA ARG B 799 30.97 -3.40 55.20
C ARG B 799 32.41 -3.30 54.74
N ALA B 800 33.30 -3.98 55.43
CA ALA B 800 34.69 -3.95 55.00
C ALA B 800 34.98 -5.10 54.04
N PRO B 801 35.98 -4.93 53.16
CA PRO B 801 36.29 -6.01 52.23
C PRO B 801 37.07 -7.17 52.83
N ASP B 802 37.74 -7.01 53.96
CA ASP B 802 38.72 -8.00 54.44
C ASP B 802 38.62 -8.31 55.93
N ARG B 803 37.57 -7.87 56.62
CA ARG B 803 37.55 -7.98 58.07
C ARG B 803 36.15 -7.66 58.57
N THR B 804 35.91 -7.96 59.84
CA THR B 804 34.70 -7.50 60.52
C THR B 804 34.90 -6.04 60.91
N LEU B 805 34.07 -5.14 60.36
CA LEU B 805 34.12 -3.76 60.81
C LEU B 805 33.80 -3.63 62.29
N THR B 806 34.67 -2.97 63.03
CA THR B 806 34.26 -2.53 64.34
C THR B 806 33.16 -1.49 64.20
N GLU B 807 32.29 -1.45 65.20
CA GLU B 807 31.27 -0.41 65.26
C GLU B 807 31.90 0.97 65.38
N ASP B 808 33.17 1.06 65.78
CA ASP B 808 33.86 2.34 65.83
C ASP B 808 34.44 2.74 64.47
N ASP B 809 34.95 1.78 63.70
CA ASP B 809 35.31 2.10 62.31
C ASP B 809 34.10 2.54 61.52
N ALA B 810 32.94 1.95 61.80
CA ALA B 810 31.72 2.37 61.15
C ALA B 810 31.37 3.81 61.50
N SER B 811 31.54 4.17 62.77
CA SER B 811 31.20 5.52 63.18
C SER B 811 32.19 6.53 62.63
N ALA B 812 33.46 6.15 62.47
CA ALA B 812 34.42 7.02 61.79
C ALA B 812 33.96 7.31 60.36
N ALA B 813 33.46 6.30 59.66
CA ALA B 813 32.98 6.52 58.30
C ALA B 813 31.71 7.37 58.30
N ARG B 814 30.84 7.17 59.29
CA ARG B 814 29.66 8.03 59.42
C ARG B 814 30.05 9.48 59.69
N ASP B 815 31.03 9.69 60.59
CA ASP B 815 31.51 11.04 60.87
C ASP B 815 31.97 11.73 59.60
N ALA B 816 32.73 11.00 58.77
CA ALA B 816 33.22 11.57 57.52
C ALA B 816 32.09 11.84 56.54
N ALA B 817 31.05 10.99 56.53
CA ALA B 817 29.90 11.27 55.66
C ALA B 817 29.14 12.51 56.13
N VAL B 818 28.96 12.66 57.43
CA VAL B 818 28.30 13.85 57.96
C VAL B 818 29.10 15.11 57.62
N GLN B 819 30.42 15.05 57.79
CA GLN B 819 31.26 16.21 57.49
C GLN B 819 31.16 16.59 56.02
N SER B 820 31.16 15.59 55.13
CA SER B 820 31.05 15.87 53.71
C SER B 820 29.71 16.53 53.40
N ALA B 821 28.64 16.06 54.01
CA ALA B 821 27.34 16.71 53.82
C ALA B 821 27.35 18.13 54.36
N ALA B 822 28.02 18.36 55.50
CA ALA B 822 28.16 19.72 56.04
C ALA B 822 28.86 20.64 55.04
N GLU B 823 29.95 20.18 54.42
CA GLU B 823 30.73 21.02 53.52
C GLU B 823 30.05 21.21 52.16
N ARG B 824 29.20 20.27 51.74
CA ARG B 824 28.68 20.36 50.39
C ARG B 824 27.28 20.95 50.30
N VAL B 825 26.40 20.66 51.26
CA VAL B 825 25.02 21.14 51.12
C VAL B 825 24.60 21.83 52.41
N GLY B 826 25.55 22.07 53.31
CA GLY B 826 25.22 22.75 54.54
C GLY B 826 24.43 21.94 55.53
N ALA B 827 24.52 20.61 55.47
CA ALA B 827 23.72 19.75 56.34
C ALA B 827 24.17 19.88 57.78
N VAL B 828 23.21 19.76 58.69
CA VAL B 828 23.46 19.70 60.13
C VAL B 828 22.97 18.35 60.65
N LEU B 829 23.80 17.70 61.45
CA LEU B 829 23.43 16.39 61.97
C LEU B 829 22.38 16.54 63.05
N ARG B 830 21.27 15.81 62.91
CA ARG B 830 20.26 15.76 63.96
C ARG B 830 20.40 14.54 64.85
N GLY B 831 20.78 13.40 64.30
CA GLY B 831 20.92 12.23 65.14
C GLY B 831 21.21 10.99 64.35
N TRP B 832 21.72 9.98 65.06
CA TRP B 832 22.03 8.74 64.41
C TRP B 832 21.69 7.62 65.39
N LYS B 833 21.65 6.39 64.88
CA LYS B 833 21.47 5.24 65.75
C LYS B 833 21.90 3.99 65.02
N LEU B 834 22.21 2.95 65.80
CA LEU B 834 22.24 1.59 65.29
C LEU B 834 20.86 1.14 64.82
N ALA B 835 20.79 0.45 63.69
CA ALA B 835 19.53 -0.04 63.16
C ALA B 835 19.18 -1.42 63.73
#